data_8HBJ
#
_entry.id   8HBJ
#
loop_
_entity.id
_entity.type
_entity.pdbx_description
1 polymer 'M678F nab'
2 polymer 'M688F nab'
3 polymer 'VP1 of capsid protein'
4 polymer 'VP2 of capsid protein'
5 polymer 'VP3 of capsid protein'
6 polymer 'VP4 of capsid protein'
#
loop_
_entity_poly.entity_id
_entity_poly.type
_entity_poly.pdbx_seq_one_letter_code
_entity_poly.pdbx_strand_id
1 'polypeptide(L)'
;QVQLQESGGGLVQAGGSLRLSCVYSGGAYSMGWYRQAPGKQRELVAAITDDGITNYRDTVKGRFTISRDNAKKAVYLQMN
SLKPEDTAVYHCNTVRRVATLSGSSSGSWGQGTQVTVSS
;
E
2 'polypeptide(L)'
;QVQLQESGGGLVQAGDSLRLSCVPSVRTSDNYIMGWFRQPPGKEREFVAAIRRSDGTTKYAASVKGRFAISRDVAKNAAY
LQMNSLKAEDTAVYYCAAKYQSTFYSTMDVQYDYWGQGTQVTVSS
;
F
3 'polypeptide(L)'
;TTSAGESADPVTTTVENYGGETQVQRRHHTDVGFIMDRFVKINNTNPTHVIDLMQTHQHGLVGALLRAATYYFSDLEIVV
RHEGNLTWVPNGAPEAALSNAGNPTAYNKAPFTRLALPYTAPHRVLATVYNGTSKYSTTGERTRGDLGALAARVATQLPA
SFNFGAIRATDISELLVRMKRAELYCPRPLLAVEVTAQDRHKQKIIAPAKQ
;
A
4 'polypeptide(L)'
;DKKTEETTLLEDRTLTTRNGHTTSTTQSSVGVTYGYSTGEDHVSGPNTSGLETRVTQAERFFKKHLFNWTTDKPFGHLEK
LKLPTDHKGVYGHLVDSFAYMRNGWDVEVSAVGNQFNGGCLLVAMVPEWKKFTPREKYQLTLFPHQFISPRTNMTAHITV
PYLGVNRYDQYKKHKPWTLVVMVVSPLTTSSIGATEIKVYANIAPTHVHVAGELPSKE
;
B
5 'polypeptide(L)'
;GIVPVACSDGYGGLVTTDPKTADPVYGKVYNPPRTNYPGRFTNLLDVAEACPTFLCFDDGKPYVVTREDEQRLLAKFDVS
LAAKHMSNTYLSGIAQYYAQYSGTINLHFMFTGSTDSKARYMVAYVPPGVETPPDTPERAAHCIHAEWDTGLNSKFTFSI
PYVSAADYAYTASDVAETTNVQGWVCIYQITHGKAQNDTLVVSVSAGKDFELRLPIDPRTQ
;
C
6 'polypeptide(L)'
;GAGQSSPATGSQNQSGNTGSIINNYYMQQYQNSMDTQLGDNAISGGSNEGSTDTTSTHTTNTQNNDWFSKLASSAFSGLF
GALLA
;
D
#
# COMPACT_ATOMS: atom_id res chain seq x y z
N GLN A 1 -1.56 -38.64 15.86
CA GLN A 1 -0.24 -39.03 15.38
C GLN A 1 0.19 -40.37 15.99
N VAL A 2 0.04 -40.49 17.30
CA VAL A 2 0.29 -41.74 18.01
C VAL A 2 -0.83 -41.97 19.02
N GLN A 3 -1.22 -43.22 19.16
CA GLN A 3 -2.18 -43.65 20.17
C GLN A 3 -1.43 -44.45 21.22
N LEU A 4 -1.30 -43.89 22.41
CA LEU A 4 -0.44 -44.50 23.42
C LEU A 4 -1.12 -44.45 24.78
N GLN A 5 -1.02 -45.56 25.50
CA GLN A 5 -1.70 -45.75 26.77
C GLN A 5 -0.70 -46.01 27.87
N GLU A 6 -1.08 -45.68 29.10
CA GLU A 6 -0.21 -45.81 30.26
C GLU A 6 -0.92 -46.60 31.35
N SER A 7 -0.14 -47.20 32.24
CA SER A 7 -0.68 -47.96 33.36
C SER A 7 0.42 -48.14 34.41
N GLY A 8 0.03 -48.65 35.57
CA GLY A 8 0.97 -48.97 36.62
C GLY A 8 0.96 -48.05 37.82
N GLY A 9 0.36 -46.88 37.72
CA GLY A 9 0.33 -45.95 38.83
C GLY A 9 -0.67 -46.37 39.90
N GLY A 10 -0.60 -45.67 41.01
CA GLY A 10 -1.49 -45.97 42.12
C GLY A 10 -1.01 -45.27 43.39
N LEU A 11 -1.27 -45.92 44.52
CA LEU A 11 -0.96 -45.37 45.83
C LEU A 11 0.09 -46.22 46.52
N VAL A 12 0.98 -45.55 47.24
CA VAL A 12 2.09 -46.22 47.93
C VAL A 12 2.63 -45.28 49.01
N GLN A 13 3.25 -45.86 50.03
CA GLN A 13 3.80 -45.09 51.15
C GLN A 13 5.22 -44.62 50.80
N ALA A 14 5.75 -43.78 51.68
CA ALA A 14 7.10 -43.26 51.49
C ALA A 14 8.13 -44.39 51.57
N GLY A 15 9.07 -44.39 50.64
CA GLY A 15 10.06 -45.43 50.54
C GLY A 15 9.68 -46.61 49.68
N GLY A 16 8.48 -46.63 49.12
CA GLY A 16 8.03 -47.73 48.29
C GLY A 16 8.65 -47.67 46.90
N SER A 17 8.01 -48.41 45.99
CA SER A 17 8.48 -48.47 44.61
C SER A 17 7.30 -48.75 43.68
N LEU A 18 7.48 -48.38 42.42
CA LEU A 18 6.46 -48.58 41.40
C LEU A 18 7.10 -48.85 40.06
N ARG A 19 6.29 -49.35 39.12
CA ARG A 19 6.71 -49.58 37.75
C ARG A 19 5.62 -49.10 36.81
N LEU A 20 5.87 -47.99 36.12
CA LEU A 20 4.91 -47.44 35.17
C LEU A 20 5.23 -47.99 33.79
N SER A 21 4.21 -48.41 33.06
CA SER A 21 4.36 -48.93 31.71
C SER A 21 3.55 -48.09 30.75
N CYS A 22 4.06 -47.94 29.52
CA CYS A 22 3.36 -47.24 28.46
C CYS A 22 3.55 -48.01 27.15
N VAL A 23 2.47 -48.11 26.38
CA VAL A 23 2.48 -48.80 25.10
C VAL A 23 2.04 -47.83 24.01
N TYR A 24 2.80 -47.79 22.92
CA TYR A 24 2.56 -46.86 21.83
C TYR A 24 2.35 -47.65 20.55
N SER A 25 2.12 -46.91 19.46
CA SER A 25 1.75 -47.57 18.20
C SER A 25 2.53 -47.07 17.00
N GLY A 26 3.15 -45.90 17.06
CA GLY A 26 3.73 -45.31 15.87
C GLY A 26 5.23 -45.14 15.89
N GLY A 27 5.92 -45.83 14.99
CA GLY A 27 7.34 -45.59 14.79
C GLY A 27 8.17 -45.93 16.00
N ALA A 28 9.38 -45.37 16.05
CA ALA A 28 10.34 -45.65 17.10
C ALA A 28 10.99 -44.34 17.58
N TYR A 29 10.16 -43.33 17.84
CA TYR A 29 10.69 -42.06 18.29
C TYR A 29 11.12 -42.13 19.75
N SER A 30 12.07 -41.28 20.12
CA SER A 30 12.61 -41.29 21.48
C SER A 30 11.56 -40.82 22.47
N MET A 31 11.18 -41.70 23.40
CA MET A 31 10.10 -41.44 24.34
C MET A 31 10.64 -40.89 25.65
N GLY A 32 9.72 -40.45 26.51
CA GLY A 32 10.10 -39.94 27.81
C GLY A 32 8.86 -39.76 28.66
N TRP A 33 9.09 -39.55 29.95
CA TRP A 33 8.02 -39.46 30.94
C TRP A 33 7.91 -38.04 31.49
N TYR A 34 6.68 -37.53 31.49
CA TYR A 34 6.38 -36.19 31.97
C TYR A 34 5.48 -36.30 33.19
N ARG A 35 5.57 -35.33 34.09
CA ARG A 35 4.70 -35.28 35.26
C ARG A 35 4.21 -33.86 35.46
N GLN A 36 2.94 -33.73 35.87
CA GLN A 36 2.35 -32.43 36.16
C GLN A 36 2.07 -32.38 37.65
N ALA A 37 3.00 -31.76 38.39
CA ALA A 37 2.85 -31.63 39.83
C ALA A 37 1.58 -30.85 40.15
N PRO A 38 0.96 -31.07 41.31
CA PRO A 38 -0.28 -30.36 41.63
C PRO A 38 -0.04 -28.86 41.76
N GLY A 39 -0.61 -28.12 40.82
CA GLY A 39 -0.45 -26.67 40.79
C GLY A 39 0.84 -26.18 40.19
N LYS A 40 1.61 -27.04 39.53
CA LYS A 40 2.86 -26.63 38.91
C LYS A 40 2.83 -27.00 37.43
N GLN A 41 3.81 -26.50 36.69
CA GLN A 41 3.85 -26.74 35.25
C GLN A 41 4.31 -28.15 34.95
N ARG A 42 3.83 -28.70 33.83
CA ARG A 42 4.26 -30.01 33.38
C ARG A 42 5.74 -29.99 33.03
N GLU A 43 6.48 -30.95 33.59
CA GLU A 43 7.93 -30.98 33.48
C GLU A 43 8.41 -32.37 33.12
N LEU A 44 9.48 -32.42 32.31
CA LEU A 44 10.07 -33.69 31.93
C LEU A 44 10.81 -34.30 33.11
N VAL A 45 10.90 -35.63 33.11
CA VAL A 45 11.51 -36.36 34.20
C VAL A 45 12.68 -37.17 33.69
N ALA A 46 12.41 -38.12 32.80
CA ALA A 46 13.42 -39.00 32.25
C ALA A 46 13.10 -39.30 30.81
N ALA A 47 14.13 -39.32 29.96
CA ALA A 47 13.95 -39.56 28.54
C ALA A 47 14.93 -40.63 28.09
N ILE A 48 14.50 -41.40 27.09
CA ILE A 48 15.31 -42.47 26.53
C ILE A 48 15.35 -42.31 25.02
N THR A 49 16.44 -42.78 24.42
CA THR A 49 16.66 -42.63 22.98
C THR A 49 16.05 -43.83 22.28
N ASP A 50 16.32 -44.00 20.99
CA ASP A 50 15.86 -45.14 20.22
C ASP A 50 16.87 -46.26 20.42
N ASP A 51 16.54 -47.17 21.35
CA ASP A 51 17.40 -48.31 21.69
C ASP A 51 18.78 -47.81 22.15
N GLY A 52 18.77 -47.13 23.29
CA GLY A 52 20.03 -46.69 23.85
C GLY A 52 19.99 -45.65 24.95
N ILE A 53 20.78 -44.60 24.76
CA ILE A 53 21.13 -43.60 25.77
C ILE A 53 19.91 -43.08 26.52
N THR A 54 20.06 -42.87 27.82
CA THR A 54 19.00 -42.34 28.67
C THR A 54 19.53 -41.08 29.35
N ASN A 55 18.62 -40.24 29.82
CA ASN A 55 18.98 -39.02 30.53
C ASN A 55 17.90 -38.67 31.55
N TYR A 56 18.32 -38.18 32.70
CA TYR A 56 17.44 -37.94 33.84
C TYR A 56 17.53 -36.49 34.32
N ARG A 57 16.43 -36.00 34.88
CA ARG A 57 16.44 -34.72 35.57
C ARG A 57 17.35 -34.77 36.79
N ASP A 58 17.78 -33.60 37.25
CA ASP A 58 18.69 -33.50 38.39
C ASP A 58 18.10 -34.11 39.65
N THR A 59 16.85 -33.77 39.98
CA THR A 59 16.25 -34.25 41.22
C THR A 59 16.05 -35.76 41.20
N VAL A 60 15.48 -36.29 40.12
CA VAL A 60 15.14 -37.71 40.05
C VAL A 60 16.32 -38.57 39.62
N LYS A 61 17.51 -38.01 39.50
CA LYS A 61 18.65 -38.78 39.03
C LYS A 61 19.08 -39.78 40.09
N GLY A 62 19.27 -41.03 39.68
CA GLY A 62 19.75 -42.08 40.55
C GLY A 62 18.67 -42.87 41.24
N ARG A 63 17.48 -42.31 41.38
CA ARG A 63 16.39 -43.04 42.03
C ARG A 63 15.46 -43.69 41.01
N PHE A 64 15.36 -43.14 39.81
CA PHE A 64 14.51 -43.67 38.76
C PHE A 64 15.34 -44.46 37.77
N THR A 65 14.68 -45.27 36.96
CA THR A 65 15.36 -46.00 35.89
C THR A 65 14.37 -46.24 34.75
N ILE A 66 14.65 -45.68 33.59
CA ILE A 66 13.79 -45.84 32.42
C ILE A 66 14.37 -46.92 31.53
N SER A 67 13.49 -47.70 30.90
CA SER A 67 13.92 -48.75 29.99
C SER A 67 12.94 -48.86 28.85
N ARG A 68 13.38 -49.45 27.75
CA ARG A 68 12.57 -49.59 26.55
C ARG A 68 12.60 -51.04 26.07
N ASP A 69 11.46 -51.48 25.53
CA ASP A 69 11.35 -52.77 24.86
C ASP A 69 10.80 -52.48 23.46
N ASN A 70 11.63 -52.66 22.45
CA ASN A 70 11.24 -52.36 21.08
C ASN A 70 10.27 -53.39 20.53
N ALA A 71 10.46 -54.67 20.86
CA ALA A 71 9.60 -55.71 20.31
C ALA A 71 8.17 -55.54 20.76
N LYS A 72 7.94 -55.53 22.07
CA LYS A 72 6.60 -55.31 22.63
C LYS A 72 6.10 -53.90 22.44
N LYS A 73 6.94 -52.99 21.95
CA LYS A 73 6.60 -51.59 21.78
C LYS A 73 6.12 -50.99 23.11
N ALA A 74 7.02 -50.99 24.09
CA ALA A 74 6.65 -50.52 25.42
C ALA A 74 7.84 -49.78 26.03
N VAL A 75 7.52 -48.87 26.95
CA VAL A 75 8.52 -48.18 27.74
C VAL A 75 8.14 -48.31 29.22
N TYR A 76 9.14 -48.45 30.07
CA TYR A 76 8.94 -48.63 31.50
C TYR A 76 9.71 -47.58 32.26
N LEU A 77 9.15 -47.16 33.40
CA LEU A 77 9.82 -46.30 34.35
C LEU A 77 9.72 -46.96 35.73
N GLN A 78 10.87 -47.39 36.25
CA GLN A 78 10.95 -47.98 37.58
C GLN A 78 11.28 -46.87 38.57
N MET A 79 10.38 -46.65 39.52
CA MET A 79 10.54 -45.60 40.53
C MET A 79 10.86 -46.25 41.87
N ASN A 80 12.03 -45.91 42.43
CA ASN A 80 12.45 -46.41 43.73
C ASN A 80 12.72 -45.25 44.66
N SER A 81 12.68 -45.52 45.97
CA SER A 81 12.97 -44.53 47.00
C SER A 81 12.10 -43.29 46.83
N LEU A 82 10.79 -43.50 46.86
CA LEU A 82 9.84 -42.44 46.56
C LEU A 82 9.81 -41.41 47.69
N LYS A 83 9.39 -40.19 47.34
CA LYS A 83 9.28 -39.07 48.24
C LYS A 83 7.91 -38.43 48.05
N PRO A 84 7.38 -37.76 49.07
CA PRO A 84 6.04 -37.15 48.95
C PRO A 84 5.94 -36.12 47.82
N GLU A 85 7.09 -35.64 47.34
CA GLU A 85 7.07 -34.65 46.28
C GLU A 85 6.67 -35.25 44.94
N ASP A 86 6.90 -36.55 44.75
CA ASP A 86 6.75 -37.15 43.44
C ASP A 86 5.31 -37.48 43.08
N THR A 87 4.32 -36.93 43.78
CA THR A 87 2.94 -37.21 43.43
C THR A 87 2.47 -36.29 42.30
N ALA A 88 1.98 -36.91 41.23
CA ALA A 88 1.54 -36.19 40.04
C ALA A 88 0.85 -37.13 39.05
N VAL A 89 0.48 -36.62 37.88
CA VAL A 89 -0.05 -37.47 36.80
C VAL A 89 1.11 -37.67 35.83
N TYR A 90 1.48 -38.94 35.64
CA TYR A 90 2.66 -39.27 34.83
C TYR A 90 2.24 -39.64 33.41
N HIS A 91 2.33 -38.64 32.54
CA HIS A 91 2.08 -38.86 31.12
C HIS A 91 3.34 -39.39 30.45
N CYS A 92 3.16 -39.92 29.24
CA CYS A 92 4.26 -40.37 28.40
C CYS A 92 3.98 -40.02 26.95
N ASN A 93 4.97 -39.47 26.26
CA ASN A 93 4.93 -39.32 24.82
C ASN A 93 6.31 -38.87 24.34
N THR A 94 6.40 -38.60 23.05
CA THR A 94 7.68 -38.38 22.39
C THR A 94 8.42 -37.18 23.00
N VAL A 95 9.74 -37.17 22.81
CA VAL A 95 10.60 -36.11 23.33
C VAL A 95 11.73 -35.85 22.34
N ARG A 96 12.09 -34.58 22.17
CA ARG A 96 13.13 -34.22 21.24
C ARG A 96 14.43 -33.90 21.98
N ARG A 97 15.54 -34.40 21.45
CA ARG A 97 16.86 -34.08 22.01
C ARG A 97 16.96 -34.48 23.47
N VAL A 98 16.95 -35.78 23.75
CA VAL A 98 17.05 -36.29 25.11
C VAL A 98 18.30 -35.82 25.85
N ALA A 99 19.31 -35.30 25.13
CA ALA A 99 20.49 -34.75 25.79
C ALA A 99 20.13 -33.50 26.57
N THR A 100 19.57 -32.50 25.88
CA THR A 100 19.10 -31.29 26.53
C THR A 100 17.78 -31.51 27.27
N LEU A 101 17.05 -32.57 26.94
CA LEU A 101 15.75 -32.89 27.55
C LEU A 101 14.71 -31.82 27.21
N SER A 102 14.54 -31.55 25.92
CA SER A 102 13.54 -30.58 25.49
C SER A 102 12.27 -31.30 25.05
N GLY A 103 11.24 -31.21 25.87
CA GLY A 103 10.00 -31.92 25.59
C GLY A 103 9.31 -31.43 24.33
N SER A 104 8.27 -32.16 23.95
CA SER A 104 7.49 -31.86 22.76
C SER A 104 6.08 -31.48 23.17
N SER A 105 5.70 -30.23 22.91
CA SER A 105 4.32 -29.81 23.12
C SER A 105 3.44 -30.17 21.93
N SER A 106 3.89 -31.15 21.14
CA SER A 106 3.33 -31.48 19.83
C SER A 106 1.81 -31.59 19.79
N GLY A 107 1.25 -32.56 20.49
CA GLY A 107 -0.17 -32.84 20.30
C GLY A 107 -0.93 -33.27 21.53
N SER A 108 -1.71 -34.34 21.38
CA SER A 108 -2.63 -34.79 22.40
C SER A 108 -1.93 -35.75 23.36
N TRP A 109 -2.35 -35.74 24.62
CA TRP A 109 -1.82 -36.61 25.65
C TRP A 109 -2.91 -37.54 26.13
N GLY A 110 -2.49 -38.68 26.68
CA GLY A 110 -3.43 -39.62 27.28
C GLY A 110 -3.32 -39.63 28.78
N GLN A 111 -4.40 -39.23 29.47
CA GLN A 111 -4.38 -39.23 30.92
C GLN A 111 -4.74 -40.59 31.47
N GLY A 112 -3.74 -41.37 31.88
CA GLY A 112 -3.99 -42.72 32.33
C GLY A 112 -3.26 -43.13 33.60
N THR A 113 -2.33 -42.31 34.07
CA THR A 113 -1.52 -42.67 35.23
C THR A 113 -1.60 -41.57 36.28
N GLN A 114 -1.94 -41.96 37.50
CA GLN A 114 -2.00 -41.06 38.65
C GLN A 114 -1.30 -41.73 39.81
N VAL A 115 -0.29 -41.07 40.37
CA VAL A 115 0.49 -41.60 41.48
C VAL A 115 0.27 -40.72 42.71
N THR A 116 0.05 -41.36 43.85
CA THR A 116 -0.23 -40.67 45.11
C THR A 116 0.62 -41.33 46.20
N VAL A 117 1.78 -40.73 46.45
CA VAL A 117 2.66 -41.19 47.52
C VAL A 117 2.23 -40.55 48.82
N SER A 118 2.19 -41.34 49.89
CA SER A 118 1.69 -40.89 51.18
C SER A 118 2.83 -40.84 52.20
N SER A 119 2.63 -40.03 53.23
CA SER A 119 3.63 -39.85 54.28
C SER A 119 2.99 -39.37 55.57
N GLN B 1 -5.36 48.99 2.19
CA GLN B 1 -5.29 47.65 1.62
C GLN B 1 -6.43 46.78 2.14
N VAL B 2 -6.30 46.28 3.36
CA VAL B 2 -7.26 45.34 3.94
C VAL B 2 -7.91 45.96 5.16
N GLN B 3 -9.23 45.84 5.24
CA GLN B 3 -10.02 46.31 6.37
C GLN B 3 -10.73 45.13 6.99
N LEU B 4 -10.90 45.17 8.31
CA LEU B 4 -11.43 44.03 9.05
C LEU B 4 -12.79 44.39 9.62
N GLN B 5 -13.76 43.50 9.43
CA GLN B 5 -15.11 43.70 9.91
C GLN B 5 -15.40 42.76 11.07
N GLU B 6 -15.65 43.34 12.24
CA GLU B 6 -15.88 42.59 13.46
C GLU B 6 -17.36 42.52 13.76
N SER B 7 -17.78 41.46 14.44
CA SER B 7 -19.19 41.23 14.76
C SER B 7 -19.28 40.43 16.05
N GLY B 8 -20.42 40.53 16.72
CA GLY B 8 -20.76 39.65 17.81
C GLY B 8 -20.49 40.15 19.21
N GLY B 9 -20.04 41.39 19.37
CA GLY B 9 -19.81 41.93 20.69
C GLY B 9 -21.11 42.28 21.39
N GLY B 10 -20.98 42.62 22.65
CA GLY B 10 -22.14 43.02 23.41
C GLY B 10 -21.88 42.90 24.90
N LEU B 11 -22.96 42.65 25.63
CA LEU B 11 -22.95 42.57 27.08
C LEU B 11 -23.52 41.24 27.53
N VAL B 12 -22.82 40.62 28.49
CA VAL B 12 -23.28 39.39 29.12
C VAL B 12 -23.01 39.51 30.61
N GLN B 13 -23.35 38.48 31.38
CA GLN B 13 -22.94 38.40 32.77
C GLN B 13 -22.11 37.14 32.98
N ALA B 14 -21.52 37.04 34.17
CA ALA B 14 -20.57 35.96 34.45
C ALA B 14 -21.22 34.60 34.24
N GLY B 15 -20.45 33.68 33.65
CA GLY B 15 -20.92 32.34 33.40
C GLY B 15 -21.45 32.08 32.01
N ASP B 16 -21.79 33.12 31.25
CA ASP B 16 -22.34 32.93 29.91
C ASP B 16 -21.23 32.81 28.88
N SER B 17 -21.59 32.88 27.60
CA SER B 17 -20.63 32.76 26.52
C SER B 17 -20.87 33.84 25.50
N LEU B 18 -19.82 34.17 24.75
CA LEU B 18 -19.91 35.14 23.65
C LEU B 18 -19.17 34.58 22.45
N ARG B 19 -19.49 35.09 21.27
CA ARG B 19 -18.86 34.66 20.03
C ARG B 19 -18.51 35.90 19.22
N LEU B 20 -17.22 36.11 19.01
CA LEU B 20 -16.72 37.21 18.20
C LEU B 20 -16.32 36.69 16.83
N SER B 21 -16.56 37.48 15.79
CA SER B 21 -16.22 37.12 14.42
C SER B 21 -15.48 38.27 13.76
N CYS B 22 -14.73 37.95 12.70
CA CYS B 22 -14.00 38.96 11.95
C CYS B 22 -13.73 38.45 10.54
N VAL B 23 -14.10 39.22 9.53
CA VAL B 23 -13.93 38.87 8.13
C VAL B 23 -13.14 39.98 7.46
N PRO B 24 -12.06 39.69 6.75
CA PRO B 24 -11.34 40.73 6.02
C PRO B 24 -12.03 41.09 4.71
N SER B 25 -11.71 42.29 4.22
CA SER B 25 -12.46 42.87 3.10
C SER B 25 -12.08 42.22 1.77
N VAL B 26 -10.81 41.88 1.59
CA VAL B 26 -10.31 41.27 0.36
C VAL B 26 -9.94 39.83 0.63
N ARG B 27 -10.02 38.99 -0.40
CA ARG B 27 -9.77 37.56 -0.22
C ARG B 27 -8.48 37.13 -0.91
N THR B 28 -7.42 37.93 -0.81
CA THR B 28 -6.13 37.60 -1.40
C THR B 28 -5.61 36.24 -0.94
N SER B 29 -4.73 35.64 -1.73
CA SER B 29 -4.18 34.31 -1.45
C SER B 29 -2.89 34.41 -0.65
N ASP B 30 -3.04 34.79 0.62
CA ASP B 30 -1.93 34.89 1.55
C ASP B 30 -2.15 33.94 2.72
N ASN B 31 -1.18 33.89 3.62
CA ASN B 31 -1.25 32.94 4.73
C ASN B 31 -1.51 33.64 6.05
N TYR B 32 -2.24 34.76 6.02
CA TYR B 32 -2.45 35.65 7.15
C TYR B 32 -2.84 34.96 8.45
N ILE B 33 -2.58 35.62 9.58
CA ILE B 33 -2.84 35.08 10.91
C ILE B 33 -3.83 36.00 11.63
N MET B 34 -5.07 35.56 11.73
CA MET B 34 -6.09 36.31 12.44
C MET B 34 -5.90 36.14 13.94
N GLY B 35 -5.81 37.25 14.66
CA GLY B 35 -5.61 37.22 16.09
C GLY B 35 -6.59 38.14 16.79
N TRP B 36 -6.59 38.07 18.12
CA TRP B 36 -7.48 38.86 18.95
C TRP B 36 -6.69 39.51 20.07
N PHE B 37 -6.75 40.83 20.13
CA PHE B 37 -6.13 41.61 21.20
C PHE B 37 -7.23 42.25 22.02
N ARG B 38 -7.03 42.35 23.33
CA ARG B 38 -7.99 42.98 24.21
C ARG B 38 -7.31 44.05 25.03
N GLN B 39 -8.03 45.13 25.32
CA GLN B 39 -7.50 46.23 26.10
C GLN B 39 -8.42 46.49 27.28
N PRO B 40 -8.05 46.05 28.49
CA PRO B 40 -8.92 46.26 29.64
C PRO B 40 -9.04 47.73 29.98
N PRO B 41 -10.07 48.11 30.74
CA PRO B 41 -10.24 49.53 31.07
C PRO B 41 -9.09 50.05 31.93
N GLY B 42 -8.42 51.08 31.42
CA GLY B 42 -7.28 51.65 32.14
C GLY B 42 -6.04 50.79 32.10
N LYS B 43 -5.90 49.96 31.07
CA LYS B 43 -4.70 49.14 30.89
C LYS B 43 -4.39 49.06 29.40
N GLU B 44 -3.22 48.52 29.08
CA GLU B 44 -2.72 48.54 27.71
C GLU B 44 -3.11 47.25 26.97
N ARG B 45 -3.10 47.33 25.64
CA ARG B 45 -3.51 46.22 24.79
C ARG B 45 -2.65 44.99 25.04
N GLU B 46 -3.23 43.81 24.83
CA GLU B 46 -2.53 42.55 25.10
C GLU B 46 -3.11 41.44 24.23
N PHE B 47 -2.31 40.40 24.02
CA PHE B 47 -2.66 39.32 23.12
C PHE B 47 -3.58 38.32 23.81
N VAL B 48 -4.52 37.75 23.05
CA VAL B 48 -5.47 36.80 23.60
C VAL B 48 -5.34 35.46 22.89
N ALA B 49 -5.57 35.43 21.58
CA ALA B 49 -5.55 34.18 20.83
C ALA B 49 -5.44 34.48 19.34
N ALA B 50 -4.61 33.67 18.67
CA ALA B 50 -4.38 33.81 17.24
C ALA B 50 -4.56 32.47 16.57
N ILE B 51 -4.74 32.50 15.26
CA ILE B 51 -4.89 31.27 14.48
C ILE B 51 -4.31 31.49 13.09
N ARG B 52 -3.69 30.46 12.53
CA ARG B 52 -3.12 30.54 11.21
C ARG B 52 -4.19 30.18 10.17
N ARG B 53 -4.02 30.69 8.94
CA ARG B 53 -5.05 30.48 7.93
C ARG B 53 -4.88 29.12 7.26
N SER B 54 -3.64 28.73 6.98
CA SER B 54 -3.40 27.46 6.30
C SER B 54 -3.92 26.29 7.13
N ASP B 55 -3.30 26.04 8.27
CA ASP B 55 -3.72 25.00 9.19
C ASP B 55 -4.49 25.64 10.33
N GLY B 56 -4.86 24.84 11.31
CA GLY B 56 -5.53 25.38 12.47
C GLY B 56 -4.59 25.56 13.63
N THR B 57 -3.39 26.05 13.37
CA THR B 57 -2.43 26.26 14.44
C THR B 57 -2.86 27.45 15.29
N THR B 58 -3.17 27.19 16.55
CA THR B 58 -3.72 28.21 17.43
C THR B 58 -2.73 28.53 18.54
N LYS B 59 -2.50 29.82 18.75
CA LYS B 59 -1.81 30.31 19.94
C LYS B 59 -2.80 30.79 20.99
N TYR B 60 -2.37 30.89 22.24
CA TYR B 60 -3.26 31.34 23.31
C TYR B 60 -2.46 32.11 24.35
N ALA B 61 -3.16 32.81 25.23
CA ALA B 61 -2.53 33.48 26.36
C ALA B 61 -2.67 32.60 27.59
N ALA B 62 -1.76 32.80 28.55
CA ALA B 62 -1.83 32.04 29.79
C ALA B 62 -3.15 32.31 30.51
N SER B 63 -3.69 33.52 30.37
CA SER B 63 -4.95 33.88 31.01
C SER B 63 -6.10 33.00 30.50
N VAL B 64 -6.24 32.90 29.19
CA VAL B 64 -7.37 32.22 28.58
C VAL B 64 -6.82 31.08 27.75
N LYS B 65 -6.73 29.89 28.35
CA LYS B 65 -6.19 28.71 27.71
C LYS B 65 -7.24 27.62 27.55
N GLY B 66 -7.94 27.29 28.63
CA GLY B 66 -8.97 26.26 28.54
C GLY B 66 -10.34 26.84 28.20
N ARG B 67 -10.54 28.12 28.46
CA ARG B 67 -11.86 28.72 28.29
C ARG B 67 -12.12 29.09 26.83
N PHE B 68 -11.23 29.86 26.23
CA PHE B 68 -11.44 30.41 24.89
C PHE B 68 -11.06 29.39 23.82
N ALA B 69 -11.67 29.54 22.66
CA ALA B 69 -11.43 28.65 21.52
C ALA B 69 -11.55 29.47 20.24
N ILE B 70 -10.58 29.31 19.34
CA ILE B 70 -10.56 30.05 18.09
C ILE B 70 -10.61 29.07 16.93
N SER B 71 -11.30 29.46 15.86
CA SER B 71 -11.45 28.61 14.68
C SER B 71 -11.50 29.49 13.44
N ARG B 72 -11.45 28.85 12.28
CA ARG B 72 -11.49 29.54 11.00
C ARG B 72 -12.40 28.81 10.03
N ASP B 73 -13.09 29.57 9.19
CA ASP B 73 -13.92 29.02 8.13
C ASP B 73 -13.33 29.20 6.75
N VAL B 74 -12.77 28.14 6.16
CA VAL B 74 -12.09 28.23 4.87
C VAL B 74 -13.04 28.74 3.79
N ALA B 75 -14.30 28.32 3.85
CA ALA B 75 -15.27 28.73 2.84
C ALA B 75 -15.59 30.21 2.94
N LYS B 76 -16.04 30.66 4.11
CA LYS B 76 -16.50 32.04 4.24
C LYS B 76 -15.37 33.00 4.56
N ASN B 77 -14.15 32.50 4.73
CA ASN B 77 -12.99 33.33 4.99
C ASN B 77 -13.15 34.14 6.27
N ALA B 78 -13.57 33.47 7.34
CA ALA B 78 -13.85 34.12 8.61
C ALA B 78 -13.04 33.48 9.73
N ALA B 79 -13.10 34.09 10.91
CA ALA B 79 -12.48 33.55 12.11
C ALA B 79 -13.35 33.90 13.32
N TYR B 80 -13.47 32.96 14.24
CA TYR B 80 -14.38 33.09 15.37
C TYR B 80 -13.65 32.81 16.67
N LEU B 81 -13.87 33.68 17.66
CA LEU B 81 -13.31 33.51 19.00
C LEU B 81 -14.46 33.17 19.94
N GLN B 82 -14.60 31.90 20.27
CA GLN B 82 -15.67 31.44 21.14
C GLN B 82 -15.25 31.61 22.59
N MET B 83 -15.76 32.64 23.24
CA MET B 83 -15.44 32.93 24.63
C MET B 83 -16.41 32.17 25.53
N ASN B 84 -15.88 31.41 26.47
CA ASN B 84 -16.68 30.58 27.36
C ASN B 84 -16.38 30.91 28.81
N SER B 85 -17.39 30.75 29.66
CA SER B 85 -17.27 30.88 31.11
C SER B 85 -16.55 32.17 31.49
N LEU B 86 -17.12 33.28 31.05
CA LEU B 86 -16.46 34.57 31.22
C LEU B 86 -16.30 34.93 32.69
N LYS B 87 -15.20 35.60 33.00
CA LYS B 87 -14.96 36.14 34.32
C LYS B 87 -15.21 37.64 34.27
N ALA B 88 -15.46 38.22 35.44
CA ALA B 88 -15.67 39.67 35.51
C ALA B 88 -14.43 40.43 35.09
N GLU B 89 -13.28 39.76 35.05
CA GLU B 89 -12.06 40.40 34.60
C GLU B 89 -11.98 40.43 33.08
N ASP B 90 -12.88 39.73 32.39
CA ASP B 90 -12.81 39.67 30.94
C ASP B 90 -13.40 40.91 30.29
N THR B 91 -13.85 41.88 31.10
CA THR B 91 -14.32 43.14 30.57
C THR B 91 -13.17 43.91 29.92
N ALA B 92 -13.31 44.18 28.62
CA ALA B 92 -12.29 44.91 27.88
C ALA B 92 -12.80 45.34 26.52
N VAL B 93 -11.93 45.92 25.72
CA VAL B 93 -12.21 46.24 24.31
C VAL B 93 -11.42 45.27 23.46
N TYR B 94 -12.12 44.45 22.68
CA TYR B 94 -11.51 43.35 21.95
C TYR B 94 -11.25 43.77 20.51
N TYR B 95 -10.01 43.60 20.06
CA TYR B 95 -9.57 44.00 18.73
C TYR B 95 -9.13 42.78 17.95
N CYS B 96 -9.42 42.75 16.66
CA CYS B 96 -8.84 41.74 15.78
C CYS B 96 -7.62 42.31 15.08
N ALA B 97 -6.94 41.46 14.31
CA ALA B 97 -5.73 41.87 13.60
C ALA B 97 -5.36 40.83 12.56
N ALA B 98 -4.40 41.18 11.69
CA ALA B 98 -4.16 40.44 10.45
C ALA B 98 -2.80 39.75 10.37
N LYS B 99 -1.70 40.48 10.52
CA LYS B 99 -0.35 39.90 10.47
C LYS B 99 -0.11 39.09 9.19
N TYR B 100 -0.04 39.82 8.08
CA TYR B 100 0.19 39.18 6.79
C TYR B 100 1.66 38.85 6.53
N GLN B 101 2.62 39.59 7.09
CA GLN B 101 3.97 39.55 6.56
C GLN B 101 4.71 38.25 6.83
N SER B 102 4.62 37.69 8.04
CA SER B 102 5.26 36.43 8.35
C SER B 102 4.34 35.57 9.22
N THR B 103 4.37 34.26 8.98
CA THR B 103 3.38 33.35 9.54
C THR B 103 4.01 32.22 10.35
N PHE B 104 5.09 32.48 11.07
CA PHE B 104 5.72 31.44 11.86
C PHE B 104 5.12 31.41 13.26
N TYR B 105 5.09 30.21 13.85
CA TYR B 105 4.43 30.04 15.14
C TYR B 105 5.13 30.82 16.24
N SER B 106 6.47 30.84 16.20
CA SER B 106 7.23 31.42 17.31
C SER B 106 6.94 32.91 17.47
N THR B 107 6.59 33.58 16.38
CA THR B 107 6.31 35.01 16.39
C THR B 107 4.85 35.33 16.19
N MET B 108 3.95 34.40 16.50
CA MET B 108 2.55 34.52 16.12
C MET B 108 1.77 35.53 16.96
N ASP B 109 2.42 36.23 17.87
CA ASP B 109 1.71 37.16 18.74
C ASP B 109 2.52 38.43 18.99
N VAL B 110 3.25 38.92 17.99
CA VAL B 110 4.11 40.07 18.29
C VAL B 110 3.92 41.27 17.37
N GLN B 111 3.50 41.07 16.11
CA GLN B 111 3.56 42.18 15.15
C GLN B 111 2.49 42.01 14.06
N TYR B 112 1.37 42.69 14.23
CA TYR B 112 0.25 42.58 13.31
C TYR B 112 0.17 43.84 12.45
N ASP B 113 -0.48 43.71 11.29
CA ASP B 113 -0.47 44.76 10.27
C ASP B 113 -1.73 45.60 10.23
N TYR B 114 -2.91 44.98 10.20
CA TYR B 114 -4.17 45.70 10.09
C TYR B 114 -5.02 45.36 11.29
N TRP B 115 -5.55 46.38 11.96
CA TRP B 115 -6.28 46.12 13.20
C TRP B 115 -7.80 46.13 13.03
N GLY B 116 -8.37 47.20 12.52
CA GLY B 116 -9.82 47.21 12.51
C GLY B 116 -10.39 47.59 13.86
N GLN B 117 -11.40 48.46 13.83
CA GLN B 117 -11.88 49.12 15.04
C GLN B 117 -12.46 48.12 16.03
N GLY B 118 -12.19 48.35 17.31
CA GLY B 118 -12.44 47.33 18.30
C GLY B 118 -13.90 47.24 18.69
N THR B 119 -14.28 46.09 19.25
CA THR B 119 -15.62 45.81 19.76
C THR B 119 -15.60 45.97 21.27
N GLN B 120 -16.78 46.14 21.85
CA GLN B 120 -16.90 46.35 23.29
C GLN B 120 -17.58 45.15 23.93
N VAL B 121 -16.90 44.54 24.90
CA VAL B 121 -17.41 43.39 25.64
C VAL B 121 -17.31 43.71 27.11
N THR B 122 -18.47 43.82 27.78
CA THR B 122 -18.53 44.25 29.18
C THR B 122 -19.39 43.24 29.95
N VAL B 123 -18.71 42.31 30.60
CA VAL B 123 -19.40 41.26 31.35
C VAL B 123 -19.68 41.76 32.76
N SER B 124 -20.85 41.40 33.28
CA SER B 124 -21.30 41.84 34.59
C SER B 124 -21.32 40.67 35.57
N SER B 125 -21.57 40.98 36.84
CA SER B 125 -21.57 39.98 37.88
C SER B 125 -22.90 39.98 38.63
N THR C 1 -25.08 15.03 -40.36
CA THR C 1 -24.65 13.64 -40.30
C THR C 1 -25.59 12.80 -39.47
N THR C 2 -25.84 11.58 -39.92
CA THR C 2 -26.64 10.62 -39.17
C THR C 2 -25.85 9.33 -39.05
N SER C 3 -25.96 8.67 -37.90
CA SER C 3 -25.15 7.49 -37.62
C SER C 3 -25.89 6.63 -36.61
N ALA C 4 -25.33 5.44 -36.37
CA ALA C 4 -25.84 4.52 -35.38
C ALA C 4 -25.34 4.98 -34.01
N GLY C 5 -26.27 5.37 -33.13
CA GLY C 5 -25.86 5.96 -31.87
C GLY C 5 -25.36 4.95 -30.87
N GLU C 6 -26.05 3.82 -30.75
CA GLU C 6 -25.74 2.81 -29.73
C GLU C 6 -24.41 2.13 -29.94
N SER C 7 -23.75 2.35 -31.08
CA SER C 7 -22.45 1.75 -31.31
C SER C 7 -21.34 2.49 -30.60
N ALA C 8 -21.58 3.72 -30.18
CA ALA C 8 -20.67 4.55 -29.40
C ALA C 8 -19.39 4.93 -30.15
N ASP C 9 -19.46 5.06 -31.47
CA ASP C 9 -18.29 5.52 -32.20
C ASP C 9 -18.26 7.05 -32.20
N PRO C 10 -17.06 7.65 -32.15
CA PRO C 10 -16.98 9.11 -32.17
C PRO C 10 -17.35 9.66 -33.53
N VAL C 11 -18.09 10.77 -33.52
CA VAL C 11 -18.55 11.43 -34.74
C VAL C 11 -18.27 12.91 -34.59
N THR C 12 -17.56 13.48 -35.57
CA THR C 12 -17.23 14.91 -35.56
C THR C 12 -17.72 15.53 -36.86
N THR C 13 -18.88 16.16 -36.80
CA THR C 13 -19.40 16.94 -37.92
C THR C 13 -18.65 18.26 -37.98
N THR C 14 -18.66 18.87 -39.16
CA THR C 14 -18.00 20.13 -39.38
C THR C 14 -19.03 21.20 -39.75
N VAL C 15 -18.57 22.45 -39.82
CA VAL C 15 -19.41 23.49 -40.39
C VAL C 15 -19.41 23.42 -41.91
N GLU C 16 -18.53 22.60 -42.50
CA GLU C 16 -18.59 22.35 -43.94
C GLU C 16 -19.85 21.63 -44.36
N ASN C 17 -20.61 21.07 -43.42
CA ASN C 17 -21.81 20.34 -43.78
C ASN C 17 -22.89 21.25 -44.34
N TYR C 18 -22.76 22.55 -44.12
CA TYR C 18 -23.67 23.54 -44.69
C TYR C 18 -22.91 24.77 -45.16
N GLY C 19 -21.77 24.57 -45.80
CA GLY C 19 -21.08 25.63 -46.48
C GLY C 19 -20.01 26.37 -45.70
N GLY C 20 -19.80 26.02 -44.43
CA GLY C 20 -18.85 26.74 -43.61
C GLY C 20 -17.39 26.43 -43.90
N GLU C 21 -16.53 26.56 -42.90
CA GLU C 21 -15.11 26.34 -43.10
C GLU C 21 -14.44 26.12 -41.75
N THR C 22 -13.89 24.95 -41.53
CA THR C 22 -13.18 24.66 -40.30
C THR C 22 -11.87 25.45 -40.24
N GLN C 23 -11.68 26.20 -39.17
CA GLN C 23 -10.52 27.08 -39.02
C GLN C 23 -9.38 26.36 -38.31
N VAL C 24 -8.20 26.95 -38.44
CA VAL C 24 -7.00 26.40 -37.80
C VAL C 24 -7.05 26.66 -36.30
N GLN C 25 -6.66 25.65 -35.52
CA GLN C 25 -6.71 25.71 -34.08
C GLN C 25 -5.33 25.50 -33.48
N ARG C 26 -5.08 26.10 -32.33
CA ARG C 26 -3.86 25.91 -31.56
C ARG C 26 -4.25 25.51 -30.15
N ARG C 27 -3.82 24.34 -29.71
CA ARG C 27 -4.23 23.78 -28.44
C ARG C 27 -3.04 23.65 -27.49
N HIS C 28 -2.21 24.69 -27.45
CA HIS C 28 -1.02 24.64 -26.60
C HIS C 28 -1.38 24.73 -25.13
N HIS C 29 -2.51 25.35 -24.81
CA HIS C 29 -2.85 25.63 -23.43
C HIS C 29 -3.59 24.48 -22.75
N THR C 30 -4.16 23.56 -23.52
CA THR C 30 -4.79 22.37 -22.97
C THR C 30 -3.89 21.14 -23.08
N ASP C 31 -2.59 21.36 -23.23
CA ASP C 31 -1.62 20.29 -23.20
C ASP C 31 -1.46 19.81 -21.77
N VAL C 32 -1.37 18.48 -21.59
CA VAL C 32 -1.34 17.91 -20.25
C VAL C 32 -0.05 18.29 -19.53
N GLY C 33 1.08 18.21 -20.23
CA GLY C 33 2.33 18.60 -19.61
C GLY C 33 2.42 20.08 -19.32
N PHE C 34 1.71 20.91 -20.07
CA PHE C 34 1.74 22.35 -19.90
C PHE C 34 0.88 22.81 -18.75
N ILE C 35 -0.36 22.30 -18.68
CA ILE C 35 -1.32 22.82 -17.71
C ILE C 35 -1.01 22.35 -16.29
N MET C 36 -0.40 21.18 -16.13
CA MET C 36 -0.08 20.67 -14.80
C MET C 36 1.20 21.24 -14.23
N ASP C 37 1.92 22.06 -14.99
CA ASP C 37 3.22 22.58 -14.59
C ASP C 37 3.06 23.99 -14.04
N ARG C 38 2.41 24.08 -12.89
CA ARG C 38 2.33 25.35 -12.16
C ARG C 38 2.24 25.01 -10.67
N PHE C 39 2.80 25.90 -9.84
CA PHE C 39 2.80 25.69 -8.40
C PHE C 39 1.39 25.85 -7.85
N VAL C 40 0.96 24.89 -7.03
CA VAL C 40 -0.36 24.93 -6.41
C VAL C 40 -0.22 24.59 -4.94
N LYS C 41 -1.14 25.12 -4.14
CA LYS C 41 -0.97 25.17 -2.70
C LYS C 41 -1.41 23.87 -2.04
N ILE C 42 -0.78 23.58 -0.90
CA ILE C 42 -1.19 22.51 0.00
C ILE C 42 -1.51 23.15 1.34
N ASN C 43 -2.79 23.21 1.69
CA ASN C 43 -3.25 24.03 2.79
C ASN C 43 -3.36 23.29 4.11
N ASN C 44 -2.86 22.06 4.19
CA ASN C 44 -2.75 21.35 5.46
C ASN C 44 -1.32 20.87 5.60
N THR C 45 -0.51 21.67 6.26
CA THR C 45 0.88 21.36 6.56
C THR C 45 1.00 21.09 8.05
N ASN C 46 1.98 20.26 8.41
CA ASN C 46 2.21 19.89 9.80
C ASN C 46 3.68 20.12 10.12
N PRO C 47 4.15 19.89 11.34
CA PRO C 47 5.60 19.77 11.54
C PRO C 47 6.19 18.63 10.71
N THR C 48 5.42 17.57 10.50
CA THR C 48 5.78 16.47 9.62
C THR C 48 4.69 16.29 8.59
N HIS C 49 5.04 16.41 7.31
CA HIS C 49 4.07 16.29 6.25
C HIS C 49 4.52 15.23 5.26
N VAL C 50 3.59 14.35 4.88
CA VAL C 50 3.82 13.35 3.86
C VAL C 50 3.26 13.89 2.56
N ILE C 51 4.10 14.00 1.55
CA ILE C 51 3.72 14.62 0.29
C ILE C 51 2.80 13.70 -0.48
N ASP C 52 1.51 13.99 -0.45
CA ASP C 52 0.49 13.24 -1.17
C ASP C 52 -0.25 14.22 -2.05
N LEU C 53 -0.28 13.96 -3.37
CA LEU C 53 -0.87 14.93 -4.27
C LEU C 53 -2.38 15.01 -4.15
N MET C 54 -3.03 14.02 -3.56
CA MET C 54 -4.45 14.05 -3.33
C MET C 54 -4.82 14.98 -2.18
N GLN C 55 -3.87 15.75 -1.67
CA GLN C 55 -4.13 16.76 -0.66
C GLN C 55 -4.22 18.16 -1.24
N THR C 56 -4.04 18.31 -2.55
CA THR C 56 -4.37 19.56 -3.20
C THR C 56 -5.87 19.76 -3.19
N HIS C 57 -6.29 21.02 -3.25
CA HIS C 57 -7.71 21.32 -3.23
C HIS C 57 -8.39 20.72 -4.45
N GLN C 58 -9.53 20.09 -4.23
CA GLN C 58 -10.26 19.34 -5.23
C GLN C 58 -10.88 20.21 -6.29
N HIS C 59 -10.98 21.52 -6.07
CA HIS C 59 -11.54 22.42 -7.06
C HIS C 59 -10.55 23.40 -7.63
N GLY C 60 -9.27 23.30 -7.29
CA GLY C 60 -8.25 24.09 -7.94
C GLY C 60 -8.04 23.65 -9.37
N LEU C 61 -7.16 24.37 -10.06
CA LEU C 61 -6.82 23.98 -11.42
C LEU C 61 -6.16 22.61 -11.44
N VAL C 62 -4.99 22.49 -10.80
CA VAL C 62 -4.25 21.24 -10.84
C VAL C 62 -4.96 20.19 -10.01
N GLY C 63 -5.56 20.58 -8.88
CA GLY C 63 -6.24 19.62 -8.04
C GLY C 63 -7.37 18.91 -8.77
N ALA C 64 -8.26 19.69 -9.37
CA ALA C 64 -9.36 19.11 -10.13
C ALA C 64 -8.89 18.39 -11.39
N LEU C 65 -7.93 18.93 -12.12
CA LEU C 65 -7.48 18.25 -13.33
C LEU C 65 -6.73 16.96 -13.00
N LEU C 66 -6.26 16.82 -11.75
CA LEU C 66 -5.66 15.57 -11.32
C LEU C 66 -6.71 14.59 -10.85
N ARG C 67 -7.77 15.06 -10.20
CA ARG C 67 -8.87 14.15 -9.88
C ARG C 67 -9.57 13.63 -11.13
N ALA C 68 -9.37 14.24 -12.29
CA ALA C 68 -10.03 13.84 -13.52
C ALA C 68 -9.23 12.81 -14.30
N ALA C 69 -8.36 12.07 -13.63
CA ALA C 69 -7.59 11.00 -14.24
C ALA C 69 -7.50 9.86 -13.24
N THR C 70 -7.46 8.63 -13.76
CA THR C 70 -7.37 7.49 -12.85
C THR C 70 -5.93 7.29 -12.38
N TYR C 71 -4.98 7.23 -13.31
CA TYR C 71 -3.59 7.02 -12.98
C TYR C 71 -2.78 8.23 -13.40
N TYR C 72 -1.57 8.34 -12.85
CA TYR C 72 -0.67 9.43 -13.24
C TYR C 72 0.75 9.08 -12.88
N PHE C 73 1.68 9.76 -13.56
CA PHE C 73 3.10 9.72 -13.21
C PHE C 73 3.63 11.14 -13.24
N SER C 74 4.55 11.46 -12.34
CA SER C 74 5.14 12.79 -12.32
C SER C 74 6.37 12.81 -11.43
N ASP C 75 7.34 13.64 -11.78
CA ASP C 75 8.31 14.13 -10.82
C ASP C 75 7.66 15.25 -9.99
N LEU C 76 8.47 15.97 -9.23
CA LEU C 76 7.91 16.98 -8.35
C LEU C 76 8.91 18.09 -8.07
N GLU C 77 8.36 19.27 -7.77
CA GLU C 77 9.10 20.38 -7.20
C GLU C 77 8.28 20.90 -6.02
N ILE C 78 8.95 21.29 -4.95
CA ILE C 78 8.26 21.82 -3.79
C ILE C 78 8.88 23.14 -3.39
N VAL C 79 8.04 24.04 -2.89
CA VAL C 79 8.47 25.31 -2.31
C VAL C 79 7.98 25.32 -0.87
N VAL C 80 8.90 25.20 0.08
CA VAL C 80 8.58 25.10 1.49
C VAL C 80 9.08 26.35 2.18
N ARG C 81 8.29 26.84 3.14
CA ARG C 81 8.66 27.99 3.97
C ARG C 81 8.67 27.53 5.42
N HIS C 82 9.85 27.36 5.98
CA HIS C 82 10.02 26.64 7.23
C HIS C 82 10.91 27.42 8.19
N GLU C 83 10.96 26.93 9.43
CA GLU C 83 11.90 27.39 10.44
C GLU C 83 12.87 26.26 10.72
N GLY C 84 14.14 26.59 10.82
CA GLY C 84 15.16 25.58 11.00
C GLY C 84 15.46 24.87 9.71
N ASN C 85 15.94 23.64 9.84
CA ASN C 85 16.28 22.82 8.69
C ASN C 85 15.08 22.03 8.22
N LEU C 86 15.13 21.59 6.97
CA LEU C 86 14.07 20.81 6.35
C LEU C 86 14.66 19.49 5.85
N THR C 87 14.21 18.38 6.44
CA THR C 87 14.67 17.06 6.06
C THR C 87 13.64 16.42 5.14
N TRP C 88 14.11 15.71 4.12
CA TRP C 88 13.25 14.95 3.22
C TRP C 88 13.71 13.50 3.18
N VAL C 89 12.77 12.58 3.36
CA VAL C 89 13.06 11.16 3.23
C VAL C 89 12.23 10.60 2.08
N PRO C 90 12.75 9.64 1.32
CA PRO C 90 12.01 9.13 0.15
C PRO C 90 10.85 8.21 0.52
N ASN C 91 10.20 7.66 -0.50
CA ASN C 91 9.04 6.79 -0.30
C ASN C 91 9.48 5.46 0.26
N GLY C 92 8.92 5.10 1.41
CA GLY C 92 9.24 3.84 2.07
C GLY C 92 10.08 3.99 3.31
N ALA C 93 10.53 5.17 3.63
CA ALA C 93 11.46 5.39 4.72
C ALA C 93 10.75 5.29 6.07
N PRO C 94 11.46 4.85 7.11
CA PRO C 94 10.92 4.97 8.46
C PRO C 94 10.63 6.42 8.80
N GLU C 95 9.73 6.62 9.77
CA GLU C 95 9.42 7.97 10.20
C GLU C 95 10.53 8.52 11.09
N ALA C 96 11.36 7.63 11.64
CA ALA C 96 12.45 8.07 12.50
C ALA C 96 13.66 8.52 11.69
N ALA C 97 13.66 8.27 10.37
CA ALA C 97 14.74 8.73 9.53
C ALA C 97 14.71 10.24 9.34
N LEU C 98 13.61 10.89 9.69
CA LEU C 98 13.42 12.31 9.44
C LEU C 98 14.13 13.19 10.45
N SER C 99 14.85 12.61 11.41
CA SER C 99 15.55 13.37 12.43
C SER C 99 17.06 13.35 12.24
N ASN C 100 17.54 12.88 11.10
CA ASN C 100 18.96 12.74 10.85
C ASN C 100 19.35 13.54 9.61
N ALA C 101 20.59 13.99 9.58
CA ALA C 101 21.09 14.83 8.49
C ALA C 101 21.84 14.05 7.43
N GLY C 102 21.79 12.73 7.44
CA GLY C 102 22.27 11.98 6.28
C GLY C 102 21.31 12.04 5.12
N ASN C 103 20.04 12.33 5.40
CA ASN C 103 19.03 12.47 4.37
C ASN C 103 19.14 13.88 3.79
N PRO C 104 18.50 14.12 2.65
CA PRO C 104 18.49 15.49 2.12
C PRO C 104 17.96 16.49 3.14
N THR C 105 18.83 17.37 3.62
CA THR C 105 18.48 18.38 4.61
C THR C 105 18.85 19.74 4.06
N ALA C 106 17.93 20.68 4.14
CA ALA C 106 18.12 22.02 3.60
C ALA C 106 18.23 23.01 4.75
N TYR C 107 19.39 23.66 4.87
CA TYR C 107 19.59 24.69 5.87
C TYR C 107 18.97 25.98 5.36
N ASN C 108 18.06 26.55 6.14
CA ASN C 108 17.11 27.51 5.59
C ASN C 108 17.79 28.81 5.20
N LYS C 109 17.57 29.21 3.95
CA LYS C 109 17.89 30.54 3.47
C LYS C 109 16.70 31.45 3.74
N ALA C 110 16.83 32.71 3.35
CA ALA C 110 15.95 33.74 3.87
C ALA C 110 14.50 33.55 3.44
N PRO C 111 14.13 33.68 2.15
CA PRO C 111 12.70 33.71 1.82
C PRO C 111 12.03 32.35 2.02
N PHE C 112 12.55 31.32 1.36
CA PHE C 112 12.03 29.95 1.41
C PHE C 112 12.98 29.01 0.70
N THR C 113 12.58 27.76 0.51
CA THR C 113 13.40 26.74 -0.13
C THR C 113 12.65 26.18 -1.33
N ARG C 114 13.36 25.99 -2.43
CA ARG C 114 12.80 25.47 -3.67
C ARG C 114 13.66 24.30 -4.15
N LEU C 115 13.12 23.10 -4.09
CA LEU C 115 13.84 21.88 -4.42
C LEU C 115 13.16 21.15 -5.58
N ALA C 116 13.84 20.14 -6.10
CA ALA C 116 13.29 19.25 -7.11
C ALA C 116 13.49 17.81 -6.63
N LEU C 117 12.39 17.07 -6.57
CA LEU C 117 12.38 15.70 -6.06
C LEU C 117 12.05 14.72 -7.18
N PRO C 118 12.61 13.52 -7.16
CA PRO C 118 12.25 12.52 -8.15
C PRO C 118 11.03 11.73 -7.73
N TYR C 119 10.68 10.77 -8.58
CA TYR C 119 9.58 9.86 -8.30
C TYR C 119 10.12 8.59 -7.67
N THR C 120 9.72 8.31 -6.42
CA THR C 120 10.31 7.23 -5.66
C THR C 120 9.32 6.14 -5.27
N ALA C 121 8.07 6.20 -5.74
CA ALA C 121 7.11 5.17 -5.40
C ALA C 121 7.49 3.85 -6.07
N PRO C 122 7.21 2.71 -5.42
CA PRO C 122 7.60 1.42 -6.00
C PRO C 122 6.74 0.98 -7.17
N HIS C 123 5.66 1.70 -7.48
CA HIS C 123 4.77 1.32 -8.56
C HIS C 123 5.11 2.07 -9.83
N ARG C 124 4.66 1.51 -10.96
CA ARG C 124 4.90 2.15 -12.25
C ARG C 124 4.10 3.44 -12.39
N VAL C 125 2.91 3.48 -11.81
CA VAL C 125 2.05 4.66 -11.83
C VAL C 125 1.36 4.79 -10.48
N LEU C 126 0.97 6.01 -10.12
CA LEU C 126 0.15 6.24 -8.94
C LEU C 126 -1.31 6.42 -9.37
N ALA C 127 -2.22 6.33 -8.41
CA ALA C 127 -3.64 6.39 -8.70
C ALA C 127 -4.35 7.33 -7.75
N THR C 128 -5.45 7.92 -8.23
CA THR C 128 -6.30 8.77 -7.41
C THR C 128 -7.46 8.03 -6.77
N VAL C 129 -7.84 6.87 -7.31
CA VAL C 129 -8.85 6.00 -6.71
C VAL C 129 -8.27 4.60 -6.64
N TYR C 130 -8.69 3.84 -5.63
CA TYR C 130 -8.28 2.45 -5.44
C TYR C 130 -9.48 1.65 -4.99
N ASN C 131 -9.80 0.58 -5.73
CA ASN C 131 -10.93 -0.28 -5.41
C ASN C 131 -10.43 -1.46 -4.58
N GLY C 132 -10.28 -1.26 -3.29
CA GLY C 132 -9.81 -2.32 -2.42
C GLY C 132 -8.77 -1.80 -1.46
N THR C 133 -8.04 -2.73 -0.85
CA THR C 133 -7.11 -2.42 0.21
C THR C 133 -5.71 -2.93 -0.11
N SER C 134 -4.79 -2.71 0.81
CA SER C 134 -3.40 -3.12 0.66
C SER C 134 -2.80 -3.72 1.92
N LYS C 135 -3.56 -3.84 3.00
CA LYS C 135 -3.09 -4.47 4.22
C LYS C 135 -3.71 -5.85 4.36
N TYR C 136 -3.31 -6.55 5.42
CA TYR C 136 -3.84 -7.87 5.72
C TYR C 136 -4.69 -7.84 6.98
N THR C 156 -11.97 6.07 -0.61
CA THR C 156 -11.99 6.66 0.72
C THR C 156 -10.59 6.70 1.33
N GLN C 157 -9.78 5.68 1.04
CA GLN C 157 -8.40 5.62 1.52
C GLN C 157 -7.55 4.94 0.48
N LEU C 158 -6.50 5.62 0.05
CA LEU C 158 -5.57 5.05 -0.90
C LEU C 158 -4.46 4.31 -0.16
N PRO C 159 -3.75 3.42 -0.84
CA PRO C 159 -2.60 2.77 -0.21
C PRO C 159 -1.61 3.78 0.34
N ALA C 160 -0.92 3.37 1.41
CA ALA C 160 0.03 4.26 2.06
C ALA C 160 1.28 4.49 1.23
N SER C 161 1.50 3.72 0.17
CA SER C 161 2.65 3.89 -0.70
C SER C 161 2.38 4.89 -1.82
N PHE C 162 1.27 5.59 -1.77
CA PHE C 162 0.91 6.57 -2.79
C PHE C 162 1.33 7.95 -2.28
N ASN C 163 2.64 8.19 -2.30
CA ASN C 163 3.17 9.46 -1.84
C ASN C 163 4.51 9.71 -2.50
N PHE C 164 5.07 10.89 -2.25
CA PHE C 164 6.34 11.33 -2.83
C PHE C 164 7.42 11.49 -1.78
N GLY C 165 7.20 11.00 -0.58
CA GLY C 165 8.11 11.17 0.52
C GLY C 165 7.51 11.97 1.65
N ALA C 166 8.36 12.43 2.56
CA ALA C 166 7.92 13.24 3.67
C ALA C 166 8.94 14.33 3.95
N ILE C 167 8.47 15.44 4.50
CA ILE C 167 9.32 16.55 4.91
C ILE C 167 9.13 16.78 6.40
N ARG C 168 10.06 17.51 7.00
CA ARG C 168 9.96 17.81 8.42
C ARG C 168 10.75 19.07 8.76
N ALA C 169 10.13 19.94 9.55
CA ALA C 169 10.79 21.11 10.11
C ALA C 169 10.18 21.36 11.48
N THR C 170 10.67 22.39 12.16
CA THR C 170 10.11 22.72 13.47
C THR C 170 8.70 23.29 13.32
N ASP C 171 8.48 24.09 12.29
CA ASP C 171 7.11 24.37 11.85
C ASP C 171 7.17 24.81 10.40
N ILE C 172 6.22 24.32 9.61
CA ILE C 172 6.14 24.66 8.19
C ILE C 172 4.96 25.59 7.98
N SER C 173 5.20 26.73 7.34
CA SER C 173 4.17 27.74 7.12
C SER C 173 3.35 27.51 5.87
N GLU C 174 4.00 27.19 4.75
CA GLU C 174 3.30 26.91 3.51
C GLU C 174 4.08 25.91 2.68
N LEU C 175 3.36 25.17 1.84
CA LEU C 175 3.94 24.19 0.93
C LEU C 175 3.30 24.35 -0.43
N LEU C 176 4.12 24.41 -1.47
CA LEU C 176 3.69 24.46 -2.85
C LEU C 176 4.26 23.24 -3.57
N VAL C 177 3.54 22.71 -4.55
CA VAL C 177 4.04 21.59 -5.33
C VAL C 177 3.83 21.86 -6.81
N ARG C 178 4.66 21.21 -7.62
CA ARG C 178 4.64 21.38 -9.07
C ARG C 178 4.96 20.04 -9.71
N MET C 179 4.15 19.63 -10.68
CA MET C 179 4.32 18.35 -11.35
C MET C 179 5.18 18.53 -12.59
N LYS C 180 6.29 17.81 -12.65
CA LYS C 180 7.19 17.85 -13.79
C LYS C 180 7.07 16.56 -14.59
N ARG C 181 7.08 16.70 -15.92
CA ARG C 181 6.96 15.56 -16.83
C ARG C 181 5.70 14.76 -16.55
N ALA C 182 4.57 15.45 -16.42
CA ALA C 182 3.35 14.81 -15.97
C ALA C 182 2.72 13.98 -17.09
N GLU C 183 2.16 12.83 -16.70
CA GLU C 183 1.47 11.93 -17.62
C GLU C 183 0.19 11.46 -16.94
N LEU C 184 -0.94 11.58 -17.64
CA LEU C 184 -2.24 11.23 -17.10
C LEU C 184 -2.85 10.13 -17.95
N TYR C 185 -3.62 9.25 -17.30
CA TYR C 185 -4.23 8.10 -17.95
C TYR C 185 -5.67 7.94 -17.48
N CYS C 186 -6.52 7.43 -18.39
CA CYS C 186 -7.89 6.97 -18.08
C CYS C 186 -8.78 8.03 -17.46
N PRO C 187 -9.26 9.00 -18.23
CA PRO C 187 -9.95 10.16 -17.65
C PRO C 187 -11.24 9.81 -16.93
N ARG C 188 -11.61 10.67 -15.97
CA ARG C 188 -12.76 10.53 -15.10
C ARG C 188 -13.59 11.81 -15.15
N PRO C 189 -14.80 11.84 -14.58
CA PRO C 189 -15.62 13.05 -14.65
C PRO C 189 -14.98 14.25 -14.00
N LEU C 190 -15.18 15.41 -14.61
CA LEU C 190 -14.71 16.70 -14.12
C LEU C 190 -15.87 17.68 -14.19
N LEU C 191 -16.28 18.17 -13.02
CA LEU C 191 -17.52 18.93 -12.92
C LEU C 191 -17.25 20.42 -12.80
N ALA C 192 -18.29 21.20 -13.08
CA ALA C 192 -18.28 22.63 -12.95
C ALA C 192 -19.29 23.03 -11.88
N VAL C 193 -19.23 24.28 -11.46
CA VAL C 193 -20.19 24.76 -10.46
C VAL C 193 -21.58 24.67 -11.04
N GLU C 194 -22.55 24.33 -10.20
CA GLU C 194 -23.89 24.06 -10.70
C GLU C 194 -24.72 25.33 -10.73
N VAL C 195 -25.62 25.40 -11.70
CA VAL C 195 -26.49 26.56 -11.87
C VAL C 195 -27.81 26.28 -11.17
N THR C 196 -28.19 27.15 -10.24
CA THR C 196 -29.30 26.87 -9.35
C THR C 196 -30.64 27.02 -10.05
N ALA C 197 -30.96 28.24 -10.50
CA ALA C 197 -32.22 28.52 -11.17
C ALA C 197 -32.08 29.42 -12.39
N GLN C 198 -30.89 29.92 -12.68
CA GLN C 198 -30.71 30.91 -13.72
C GLN C 198 -30.86 30.27 -15.10
N ASP C 199 -30.64 31.09 -16.13
CA ASP C 199 -30.46 30.57 -17.48
C ASP C 199 -29.00 30.21 -17.75
N ARG C 200 -28.09 30.80 -16.99
CA ARG C 200 -26.67 30.49 -17.04
C ARG C 200 -26.03 31.03 -15.77
N HIS C 201 -24.83 30.55 -15.47
CA HIS C 201 -24.12 30.99 -14.28
C HIS C 201 -23.46 32.34 -14.52
N LYS C 202 -24.01 33.39 -13.93
CA LYS C 202 -23.52 34.75 -14.10
C LYS C 202 -22.65 35.11 -12.91
N GLN C 203 -21.53 35.77 -13.17
CA GLN C 203 -20.62 36.22 -12.13
C GLN C 203 -19.95 37.50 -12.58
N LYS C 204 -19.27 38.16 -11.64
CA LYS C 204 -18.56 39.38 -11.94
C LYS C 204 -17.27 39.09 -12.68
N ILE C 205 -17.00 39.86 -13.72
CA ILE C 205 -15.81 39.73 -14.55
C ILE C 205 -15.03 41.04 -14.45
N ILE C 206 -13.70 40.94 -14.48
CA ILE C 206 -12.86 42.12 -14.30
C ILE C 206 -13.16 43.14 -15.38
N ALA C 207 -13.27 44.41 -14.96
CA ALA C 207 -13.53 45.53 -15.85
C ALA C 207 -12.98 46.79 -15.21
N PRO C 208 -12.39 47.69 -15.99
CA PRO C 208 -11.74 48.86 -15.40
C PRO C 208 -12.70 49.72 -14.60
N ALA C 209 -12.14 50.56 -13.73
CA ALA C 209 -12.96 51.41 -12.88
C ALA C 209 -13.61 52.51 -13.70
N LYS C 210 -14.37 53.36 -13.00
CA LYS C 210 -15.12 54.47 -13.58
C LYS C 210 -16.24 53.98 -14.48
N ASP D 12 -25.72 -8.37 -41.94
CA ASP D 12 -24.55 -7.52 -41.69
C ASP D 12 -24.24 -7.42 -40.20
N ARG D 13 -25.29 -7.31 -39.39
CA ARG D 13 -25.12 -7.20 -37.94
C ARG D 13 -25.20 -8.55 -37.26
N THR D 14 -24.43 -9.53 -37.75
CA THR D 14 -24.33 -10.85 -37.15
C THR D 14 -22.91 -11.03 -36.65
N LEU D 15 -22.74 -11.26 -35.36
CA LEU D 15 -21.44 -11.43 -34.76
C LEU D 15 -21.38 -12.72 -33.96
N THR D 16 -20.24 -13.40 -34.04
CA THR D 16 -19.98 -14.61 -33.27
C THR D 16 -18.65 -14.44 -32.55
N THR D 17 -18.67 -14.57 -31.23
CA THR D 17 -17.45 -14.54 -30.43
C THR D 17 -17.19 -15.94 -29.89
N ARG D 18 -15.97 -16.42 -30.05
CA ARG D 18 -15.55 -17.71 -29.53
C ARG D 18 -14.42 -17.51 -28.53
N ASN D 19 -14.68 -17.84 -27.27
CA ASN D 19 -13.68 -17.73 -26.22
C ASN D 19 -13.47 -19.12 -25.64
N GLY D 20 -12.42 -19.79 -26.09
CA GLY D 20 -12.16 -21.14 -25.62
C GLY D 20 -13.01 -22.13 -26.38
N HIS D 21 -13.67 -23.02 -25.65
CA HIS D 21 -14.62 -23.95 -26.24
C HIS D 21 -16.06 -23.49 -26.05
N THR D 22 -16.26 -22.18 -25.99
CA THR D 22 -17.56 -21.57 -25.80
C THR D 22 -17.77 -20.51 -26.87
N THR D 23 -18.99 -20.43 -27.41
CA THR D 23 -19.32 -19.44 -28.42
C THR D 23 -20.55 -18.66 -27.97
N SER D 24 -20.81 -17.55 -28.67
CA SER D 24 -21.95 -16.71 -28.36
C SER D 24 -22.26 -15.89 -29.60
N THR D 25 -23.43 -16.13 -30.19
CA THR D 25 -23.85 -15.49 -31.44
C THR D 25 -24.94 -14.46 -31.14
N THR D 26 -24.91 -13.34 -31.88
CA THR D 26 -25.92 -12.31 -31.73
C THR D 26 -26.22 -11.73 -33.10
N GLN D 27 -27.50 -11.52 -33.39
CA GLN D 27 -27.94 -10.98 -34.67
C GLN D 27 -28.36 -9.53 -34.58
N SER D 28 -28.22 -8.91 -33.41
CA SER D 28 -28.45 -7.49 -33.21
C SER D 28 -27.16 -6.82 -32.77
N SER D 29 -26.07 -7.20 -33.43
CA SER D 29 -24.74 -6.68 -33.12
C SER D 29 -24.63 -5.23 -33.56
N VAL D 30 -23.83 -4.47 -32.83
CA VAL D 30 -23.67 -3.06 -33.13
C VAL D 30 -22.18 -2.76 -33.20
N GLY D 31 -21.38 -3.79 -33.00
CA GLY D 31 -19.94 -3.69 -33.03
C GLY D 31 -19.31 -4.13 -31.72
N VAL D 32 -18.00 -4.06 -31.70
CA VAL D 32 -17.22 -4.33 -30.50
C VAL D 32 -16.47 -3.06 -30.12
N THR D 33 -16.51 -2.71 -28.84
CA THR D 33 -15.87 -1.52 -28.32
C THR D 33 -14.60 -1.95 -27.59
N TYR D 34 -13.46 -1.45 -28.05
CA TYR D 34 -12.20 -1.66 -27.37
C TYR D 34 -11.91 -0.45 -26.49
N GLY D 35 -11.58 -0.69 -25.23
CA GLY D 35 -11.31 0.40 -24.32
C GLY D 35 -9.85 0.52 -23.95
N TYR D 36 -9.25 1.68 -24.22
CA TYR D 36 -7.93 2.06 -23.74
C TYR D 36 -6.81 1.30 -24.42
N SER D 37 -7.13 0.28 -25.21
CA SER D 37 -6.12 -0.56 -25.83
C SER D 37 -6.82 -1.56 -26.72
N THR D 38 -6.11 -2.00 -27.77
CA THR D 38 -6.57 -3.09 -28.62
C THR D 38 -5.86 -4.41 -28.31
N GLY D 39 -4.89 -4.41 -27.41
CA GLY D 39 -4.22 -5.63 -26.99
C GLY D 39 -3.41 -5.38 -25.74
N GLU D 40 -3.10 -6.47 -25.04
CA GLU D 40 -2.41 -6.37 -23.77
C GLU D 40 -0.98 -5.87 -23.96
N ASP D 41 -0.43 -5.27 -22.89
CA ASP D 41 0.96 -4.86 -22.86
C ASP D 41 1.81 -6.03 -22.34
N HIS D 42 3.05 -5.76 -21.96
CA HIS D 42 4.00 -6.82 -21.65
C HIS D 42 3.58 -7.59 -20.41
N VAL D 43 3.25 -8.87 -20.60
CA VAL D 43 2.79 -9.70 -19.48
C VAL D 43 3.95 -10.17 -18.63
N SER D 44 5.14 -10.26 -19.23
CA SER D 44 6.32 -10.69 -18.49
C SER D 44 7.18 -9.50 -18.12
N GLY D 45 7.18 -9.15 -16.84
CA GLY D 45 7.95 -8.02 -16.38
C GLY D 45 9.00 -8.41 -15.37
N PRO D 46 9.64 -7.42 -14.75
CA PRO D 46 10.72 -7.71 -13.80
C PRO D 46 10.23 -8.02 -12.39
N ASN D 47 8.95 -7.83 -12.09
CA ASN D 47 8.48 -8.04 -10.73
C ASN D 47 8.17 -9.51 -10.46
N THR D 48 7.92 -10.29 -11.50
CA THR D 48 7.60 -11.70 -11.34
C THR D 48 8.78 -12.62 -11.59
N SER D 49 9.91 -12.08 -12.06
CA SER D 49 11.20 -12.79 -12.11
C SER D 49 11.15 -14.07 -12.93
N GLY D 50 10.38 -14.06 -14.03
CA GLY D 50 10.43 -15.15 -14.97
C GLY D 50 9.60 -16.36 -14.62
N LEU D 51 8.85 -16.31 -13.53
CA LEU D 51 8.14 -17.47 -13.01
C LEU D 51 6.64 -17.43 -13.24
N GLU D 52 6.18 -16.70 -14.25
CA GLU D 52 4.74 -16.63 -14.53
C GLU D 52 4.40 -17.57 -15.68
N THR D 53 3.16 -18.05 -15.67
CA THR D 53 2.65 -18.98 -16.68
C THR D 53 1.25 -18.56 -17.09
N ARG D 54 0.85 -18.95 -18.29
CA ARG D 54 -0.46 -18.63 -18.83
C ARG D 54 -1.37 -19.85 -18.73
N VAL D 55 -2.63 -19.61 -18.37
CA VAL D 55 -3.63 -20.67 -18.26
C VAL D 55 -4.69 -20.40 -19.32
N THR D 56 -4.78 -21.29 -20.30
CA THR D 56 -5.76 -21.13 -21.36
C THR D 56 -7.08 -21.83 -21.07
N GLN D 57 -7.12 -22.70 -20.07
CA GLN D 57 -8.36 -23.36 -19.68
C GLN D 57 -9.30 -22.46 -18.91
N ALA D 58 -8.82 -21.31 -18.44
CA ALA D 58 -9.63 -20.41 -17.64
C ALA D 58 -10.29 -19.31 -18.47
N GLU D 59 -9.85 -19.13 -19.71
CA GLU D 59 -10.40 -18.11 -20.58
C GLU D 59 -11.64 -18.62 -21.30
N ARG D 60 -12.81 -18.45 -20.69
CA ARG D 60 -14.07 -18.86 -21.29
C ARG D 60 -15.21 -18.13 -20.59
N PHE D 61 -16.40 -18.23 -21.18
CA PHE D 61 -17.54 -17.44 -20.74
C PHE D 61 -18.14 -18.00 -19.46
N PHE D 62 -18.81 -17.11 -18.70
CA PHE D 62 -19.64 -17.51 -17.57
C PHE D 62 -20.73 -16.48 -17.38
N LYS D 63 -21.91 -16.93 -16.97
CA LYS D 63 -23.09 -16.09 -16.90
C LYS D 63 -23.19 -15.36 -15.56
N LYS D 64 -24.01 -14.30 -15.56
CA LYS D 64 -24.28 -13.53 -14.36
C LYS D 64 -25.52 -12.67 -14.62
N HIS D 65 -26.36 -12.55 -13.60
CA HIS D 65 -27.61 -11.80 -13.68
C HIS D 65 -27.39 -10.42 -13.06
N LEU D 66 -27.71 -9.36 -13.81
CA LEU D 66 -27.44 -8.00 -13.35
C LEU D 66 -28.64 -7.37 -12.64
N PHE D 67 -29.75 -7.19 -13.36
CA PHE D 67 -30.94 -6.58 -12.74
C PHE D 67 -32.11 -6.72 -13.69
N ASN D 68 -33.31 -6.47 -13.14
CA ASN D 68 -34.55 -6.42 -13.90
C ASN D 68 -34.82 -4.97 -14.28
N TRP D 69 -34.92 -4.71 -15.57
CA TRP D 69 -35.16 -3.36 -16.07
C TRP D 69 -36.66 -3.12 -16.13
N THR D 70 -37.22 -2.52 -15.09
CA THR D 70 -38.64 -2.23 -15.04
C THR D 70 -38.88 -0.77 -15.44
N THR D 71 -40.14 -0.39 -15.58
CA THR D 71 -40.48 0.93 -16.06
C THR D 71 -40.42 2.00 -14.99
N ASP D 72 -40.38 1.61 -13.71
CA ASP D 72 -40.37 2.58 -12.63
C ASP D 72 -38.96 2.97 -12.19
N LYS D 73 -37.95 2.66 -12.99
CA LYS D 73 -36.59 3.06 -12.68
C LYS D 73 -36.22 4.29 -13.48
N PRO D 74 -35.91 5.41 -12.84
CA PRO D 74 -35.69 6.66 -13.57
C PRO D 74 -34.28 6.76 -14.14
N PHE D 75 -33.95 7.89 -14.76
CA PHE D 75 -32.60 8.11 -15.21
C PHE D 75 -31.64 8.07 -14.03
N GLY D 76 -30.46 7.51 -14.26
CA GLY D 76 -29.42 7.49 -13.26
C GLY D 76 -29.43 6.28 -12.35
N HIS D 77 -30.31 5.31 -12.62
CA HIS D 77 -30.30 4.09 -11.83
C HIS D 77 -29.07 3.28 -12.18
N LEU D 78 -28.20 3.06 -11.19
CA LEU D 78 -26.91 2.42 -11.40
C LEU D 78 -26.94 1.01 -10.85
N GLU D 79 -26.34 0.09 -11.58
CA GLU D 79 -26.08 -1.27 -11.13
C GLU D 79 -24.65 -1.61 -11.48
N LYS D 80 -23.91 -2.18 -10.53
CA LYS D 80 -22.52 -2.48 -10.74
C LYS D 80 -22.25 -3.96 -10.50
N LEU D 81 -21.10 -4.41 -11.00
CA LEU D 81 -20.63 -5.77 -10.78
C LEU D 81 -19.11 -5.73 -10.86
N LYS D 82 -18.45 -5.88 -9.72
CA LYS D 82 -16.99 -5.81 -9.67
C LYS D 82 -16.41 -7.11 -10.20
N LEU D 83 -15.40 -7.00 -11.02
CA LEU D 83 -14.73 -8.15 -11.61
C LEU D 83 -13.30 -8.25 -11.11
N PRO D 84 -12.82 -9.44 -10.73
CA PRO D 84 -13.46 -10.76 -10.79
C PRO D 84 -14.54 -11.00 -9.75
N THR D 85 -15.54 -11.78 -10.13
CA THR D 85 -16.70 -12.09 -9.31
C THR D 85 -16.44 -13.42 -8.61
N ASP D 86 -17.44 -13.94 -7.89
CA ASP D 86 -17.35 -15.27 -7.29
C ASP D 86 -17.46 -16.32 -8.39
N HIS D 87 -16.34 -16.88 -8.80
CA HIS D 87 -16.28 -17.88 -9.86
C HIS D 87 -16.25 -19.26 -9.24
N LYS D 88 -17.02 -20.18 -9.80
CA LYS D 88 -17.10 -21.54 -9.30
C LYS D 88 -16.35 -22.56 -10.15
N GLY D 89 -15.65 -22.12 -11.19
CA GLY D 89 -14.96 -23.03 -12.07
C GLY D 89 -13.45 -22.92 -12.01
N VAL D 90 -12.80 -23.09 -13.16
CA VAL D 90 -11.34 -23.10 -13.20
C VAL D 90 -10.75 -21.76 -12.79
N TYR D 91 -11.42 -20.66 -13.13
CA TYR D 91 -10.95 -19.34 -12.73
C TYR D 91 -10.95 -19.20 -11.21
N GLY D 92 -11.92 -19.77 -10.52
CA GLY D 92 -11.97 -19.66 -9.07
C GLY D 92 -10.81 -20.37 -8.40
N HIS D 93 -10.52 -21.59 -8.84
CA HIS D 93 -9.39 -22.31 -8.27
C HIS D 93 -8.08 -21.64 -8.65
N LEU D 94 -8.02 -20.99 -9.81
CA LEU D 94 -6.87 -20.15 -10.10
C LEU D 94 -6.71 -19.04 -9.07
N VAL D 95 -7.80 -18.33 -8.76
CA VAL D 95 -7.70 -17.19 -7.85
C VAL D 95 -7.29 -17.64 -6.46
N ASP D 96 -7.83 -18.75 -5.97
CA ASP D 96 -7.46 -19.19 -4.64
C ASP D 96 -6.27 -20.13 -4.61
N SER D 97 -5.64 -20.39 -5.76
CA SER D 97 -4.50 -21.29 -5.84
C SER D 97 -3.18 -20.60 -6.11
N PHE D 98 -3.18 -19.42 -6.72
CA PHE D 98 -1.97 -18.68 -7.00
C PHE D 98 -2.04 -17.34 -6.29
N ALA D 99 -0.88 -16.71 -6.07
CA ALA D 99 -0.85 -15.50 -5.26
C ALA D 99 -1.06 -14.25 -6.11
N TYR D 100 -0.53 -14.24 -7.33
CA TYR D 100 -0.63 -13.09 -8.22
C TYR D 100 -1.22 -13.52 -9.55
N MET D 101 -2.21 -12.76 -10.01
CA MET D 101 -2.91 -13.01 -11.27
C MET D 101 -3.00 -11.71 -12.06
N ARG D 102 -3.25 -11.83 -13.35
CA ARG D 102 -3.60 -10.68 -14.18
C ARG D 102 -4.36 -11.19 -15.38
N ASN D 103 -5.37 -10.44 -15.81
CA ASN D 103 -6.13 -10.78 -17.02
C ASN D 103 -7.02 -9.61 -17.37
N GLY D 104 -7.38 -9.52 -18.65
CA GLY D 104 -8.37 -8.56 -19.09
C GLY D 104 -9.75 -9.18 -19.16
N TRP D 105 -10.69 -8.45 -19.75
CA TRP D 105 -12.07 -8.89 -19.80
C TRP D 105 -12.66 -8.71 -21.19
N ASP D 106 -13.66 -9.55 -21.49
CA ASP D 106 -14.38 -9.51 -22.76
C ASP D 106 -15.86 -9.69 -22.41
N VAL D 107 -16.56 -8.58 -22.21
CA VAL D 107 -17.89 -8.57 -21.61
C VAL D 107 -18.94 -8.45 -22.71
N GLU D 108 -20.12 -9.02 -22.45
CA GLU D 108 -21.22 -8.98 -23.40
C GLU D 108 -22.53 -8.97 -22.63
N VAL D 109 -23.27 -7.87 -22.70
CA VAL D 109 -24.51 -7.69 -21.94
C VAL D 109 -25.67 -7.78 -22.90
N SER D 110 -26.76 -8.38 -22.46
CA SER D 110 -27.95 -8.55 -23.28
C SER D 110 -29.20 -8.19 -22.49
N ALA D 111 -30.07 -7.37 -23.09
CA ALA D 111 -31.35 -6.99 -22.50
C ALA D 111 -32.41 -7.24 -23.56
N VAL D 112 -33.07 -8.41 -23.49
CA VAL D 112 -34.01 -8.84 -24.51
C VAL D 112 -35.42 -8.42 -24.12
N GLY D 113 -36.02 -7.56 -24.93
CA GLY D 113 -37.44 -7.25 -24.84
C GLY D 113 -38.11 -7.54 -26.18
N ASN D 114 -38.64 -6.51 -26.84
CA ASN D 114 -38.97 -6.61 -28.25
C ASN D 114 -38.83 -5.22 -28.84
N GLN D 115 -38.96 -5.14 -30.17
CA GLN D 115 -38.66 -3.91 -30.88
C GLN D 115 -39.73 -2.86 -30.66
N PHE D 116 -40.81 -3.22 -29.96
CA PHE D 116 -41.87 -2.29 -29.64
C PHE D 116 -41.75 -1.72 -28.24
N ASN D 117 -40.53 -1.69 -27.69
CA ASN D 117 -40.24 -1.03 -26.43
C ASN D 117 -39.49 0.27 -26.70
N GLY D 118 -39.23 1.01 -25.63
CA GLY D 118 -38.44 2.21 -25.73
C GLY D 118 -37.57 2.36 -24.50
N GLY D 119 -36.47 3.06 -24.67
CA GLY D 119 -35.55 3.31 -23.59
C GLY D 119 -34.12 3.13 -24.02
N CYS D 120 -33.21 3.47 -23.11
CA CYS D 120 -31.78 3.40 -23.37
C CYS D 120 -31.08 2.97 -22.11
N LEU D 121 -30.10 2.10 -22.26
CA LEU D 121 -29.22 1.69 -21.17
C LEU D 121 -27.81 2.08 -21.53
N LEU D 122 -26.99 2.34 -20.52
CA LEU D 122 -25.57 2.63 -20.71
C LEU D 122 -24.78 1.52 -20.03
N VAL D 123 -23.98 0.80 -20.82
CA VAL D 123 -23.12 -0.25 -20.31
C VAL D 123 -21.68 0.22 -20.43
N ALA D 124 -21.01 0.42 -19.30
CA ALA D 124 -19.64 0.92 -19.27
C ALA D 124 -18.77 0.04 -18.38
N MET D 125 -17.46 0.13 -18.60
CA MET D 125 -16.47 -0.56 -17.78
C MET D 125 -15.57 0.47 -17.11
N VAL D 126 -15.77 0.68 -15.82
CA VAL D 126 -15.12 1.74 -15.06
C VAL D 126 -13.89 1.17 -14.36
N PRO D 127 -12.71 1.74 -14.55
CA PRO D 127 -11.54 1.31 -13.77
C PRO D 127 -11.47 1.98 -12.41
N GLU D 128 -11.15 1.18 -11.40
CA GLU D 128 -11.01 1.63 -10.01
C GLU D 128 -12.29 2.31 -9.54
N TRP D 129 -13.33 1.50 -9.43
CA TRP D 129 -14.67 1.98 -9.12
C TRP D 129 -14.68 2.82 -7.85
N LYS D 130 -15.53 3.84 -7.86
CA LYS D 130 -15.86 4.64 -6.69
C LYS D 130 -17.26 5.16 -6.93
N LYS D 131 -18.05 5.29 -5.87
CA LYS D 131 -19.45 5.65 -6.03
C LYS D 131 -19.59 7.02 -6.66
N PHE D 132 -20.55 7.15 -7.57
CA PHE D 132 -20.74 8.37 -8.33
C PHE D 132 -21.82 9.24 -7.70
N THR D 133 -21.59 10.54 -7.70
CA THR D 133 -22.57 11.50 -7.26
C THR D 133 -23.62 11.69 -8.36
N PRO D 134 -24.81 12.20 -8.02
CA PRO D 134 -25.85 12.34 -9.04
C PRO D 134 -25.45 13.23 -10.21
N ARG D 135 -24.57 14.20 -10.00
CA ARG D 135 -24.12 15.07 -11.08
C ARG D 135 -23.00 14.44 -11.90
N GLU D 136 -22.30 13.45 -11.32
CA GLU D 136 -21.22 12.80 -12.05
C GLU D 136 -21.72 11.71 -12.99
N LYS D 137 -22.98 11.29 -12.85
CA LYS D 137 -23.53 10.28 -13.75
C LYS D 137 -23.79 10.83 -15.14
N TYR D 138 -23.80 12.16 -15.31
CA TYR D 138 -23.94 12.75 -16.63
C TYR D 138 -22.70 12.58 -17.47
N GLN D 139 -21.59 12.15 -16.88
CA GLN D 139 -20.33 11.98 -17.59
C GLN D 139 -19.86 10.54 -17.59
N LEU D 140 -20.77 9.58 -17.42
CA LEU D 140 -20.40 8.18 -17.39
C LEU D 140 -19.91 7.69 -18.75
N THR D 141 -20.03 8.49 -19.80
CA THR D 141 -19.57 8.13 -21.13
C THR D 141 -18.12 8.51 -21.38
N LEU D 142 -17.35 8.74 -20.32
CA LEU D 142 -15.91 8.95 -20.43
C LEU D 142 -15.14 7.64 -20.38
N PHE D 143 -15.81 6.54 -20.08
CA PHE D 143 -15.30 5.18 -19.98
C PHE D 143 -15.73 4.37 -21.17
N PRO D 144 -15.05 3.24 -21.45
CA PRO D 144 -15.48 2.38 -22.56
C PRO D 144 -16.91 1.90 -22.39
N HIS D 145 -17.76 2.22 -23.36
CA HIS D 145 -19.18 2.04 -23.16
C HIS D 145 -19.90 1.71 -24.45
N GLN D 146 -21.15 1.28 -24.31
CA GLN D 146 -22.10 1.11 -25.40
C GLN D 146 -23.50 1.27 -24.84
N PHE D 147 -24.47 1.46 -25.73
CA PHE D 147 -25.85 1.65 -25.35
C PHE D 147 -26.68 0.46 -25.80
N ILE D 148 -27.69 0.12 -25.00
CA ILE D 148 -28.69 -0.87 -25.39
C ILE D 148 -30.00 -0.13 -25.55
N SER D 149 -30.46 -0.01 -26.80
CA SER D 149 -31.76 0.57 -27.09
C SER D 149 -32.62 -0.53 -27.72
N PRO D 150 -33.73 -0.93 -27.08
CA PRO D 150 -34.62 -1.93 -27.69
C PRO D 150 -34.99 -1.60 -29.12
N ARG D 151 -34.95 -0.32 -29.49
CA ARG D 151 -35.22 0.11 -30.85
C ARG D 151 -34.25 -0.52 -31.84
N THR D 152 -32.98 -0.69 -31.45
CA THR D 152 -31.96 -1.15 -32.37
C THR D 152 -31.37 -2.51 -32.01
N ASN D 153 -30.80 -2.66 -30.82
CA ASN D 153 -30.01 -3.83 -30.50
C ASN D 153 -30.46 -4.42 -29.17
N MET D 154 -30.02 -5.64 -28.92
CA MET D 154 -30.25 -6.30 -27.64
C MET D 154 -28.97 -6.66 -26.93
N THR D 155 -27.82 -6.25 -27.46
CA THR D 155 -26.54 -6.78 -26.98
C THR D 155 -25.45 -5.72 -27.10
N ALA D 156 -24.75 -5.47 -25.99
CA ALA D 156 -23.55 -4.65 -25.96
C ALA D 156 -22.34 -5.55 -25.84
N HIS D 157 -21.18 -5.08 -26.31
CA HIS D 157 -19.96 -5.87 -26.30
C HIS D 157 -18.76 -4.93 -26.16
N ILE D 158 -18.06 -5.02 -25.03
CA ILE D 158 -16.87 -4.23 -24.76
C ILE D 158 -15.72 -5.17 -24.43
N THR D 159 -14.51 -4.75 -24.79
CA THR D 159 -13.30 -5.54 -24.55
C THR D 159 -12.23 -4.64 -23.98
N VAL D 160 -11.70 -4.98 -22.81
CA VAL D 160 -10.78 -4.10 -22.09
C VAL D 160 -9.54 -4.87 -21.70
N PRO D 161 -8.41 -4.17 -21.61
CA PRO D 161 -7.17 -4.80 -21.20
C PRO D 161 -7.05 -4.83 -19.68
N TYR D 162 -5.90 -5.27 -19.20
CA TYR D 162 -5.57 -5.21 -17.78
C TYR D 162 -4.82 -3.92 -17.53
N LEU D 163 -5.19 -3.20 -16.46
CA LEU D 163 -4.45 -2.03 -16.03
C LEU D 163 -4.43 -1.96 -14.52
N GLY D 164 -3.49 -1.19 -13.97
CA GLY D 164 -3.39 -1.02 -12.53
C GLY D 164 -2.05 -0.42 -12.18
N VAL D 165 -1.88 -0.11 -10.90
CA VAL D 165 -0.61 0.45 -10.45
C VAL D 165 0.46 -0.63 -10.40
N ASN D 166 0.05 -1.89 -10.32
CA ASN D 166 0.97 -3.02 -10.28
C ASN D 166 0.74 -3.91 -11.49
N ARG D 167 1.80 -4.59 -11.91
CA ARG D 167 1.73 -5.42 -13.11
C ARG D 167 0.98 -6.72 -12.86
N TYR D 168 1.03 -7.22 -11.63
CA TYR D 168 0.24 -8.37 -11.21
C TYR D 168 -0.57 -7.98 -9.99
N ASP D 169 -1.73 -8.61 -9.83
CA ASP D 169 -2.69 -8.20 -8.82
C ASP D 169 -3.00 -9.37 -7.88
N GLN D 170 -3.40 -9.00 -6.65
CA GLN D 170 -3.94 -9.95 -5.68
C GLN D 170 -5.43 -9.67 -5.60
N TYR D 171 -6.22 -10.45 -6.34
CA TYR D 171 -7.63 -10.17 -6.55
C TYR D 171 -8.47 -10.31 -5.31
N LYS D 172 -7.94 -10.90 -4.23
CA LYS D 172 -8.66 -10.89 -2.97
C LYS D 172 -8.51 -9.57 -2.23
N LYS D 173 -7.66 -8.67 -2.74
CA LYS D 173 -7.43 -7.38 -2.13
C LYS D 173 -7.82 -6.21 -3.01
N HIS D 174 -7.81 -6.37 -4.33
CA HIS D 174 -8.05 -5.27 -5.26
C HIS D 174 -8.84 -5.79 -6.44
N LYS D 175 -9.73 -4.95 -6.96
CA LYS D 175 -10.52 -5.25 -8.15
C LYS D 175 -10.44 -4.08 -9.11
N PRO D 176 -9.63 -4.16 -10.14
CA PRO D 176 -9.42 -2.99 -11.00
C PRO D 176 -10.67 -2.57 -11.78
N TRP D 177 -11.38 -3.54 -12.36
CA TRP D 177 -12.48 -3.25 -13.26
C TRP D 177 -13.82 -3.41 -12.58
N THR D 178 -14.83 -2.74 -13.12
CA THR D 178 -16.21 -2.82 -12.63
C THR D 178 -17.15 -2.64 -13.80
N LEU D 179 -18.11 -3.53 -13.94
CA LEU D 179 -19.13 -3.39 -14.98
C LEU D 179 -20.32 -2.61 -14.44
N VAL D 180 -20.75 -1.61 -15.20
CA VAL D 180 -21.77 -0.66 -14.78
C VAL D 180 -22.86 -0.60 -15.84
N VAL D 181 -24.11 -0.67 -15.41
CA VAL D 181 -25.27 -0.51 -16.28
C VAL D 181 -26.17 0.56 -15.68
N MET D 182 -26.35 1.67 -16.39
CA MET D 182 -27.15 2.79 -15.93
C MET D 182 -28.36 3.01 -16.84
N VAL D 183 -29.49 3.30 -16.23
CA VAL D 183 -30.73 3.63 -16.94
C VAL D 183 -30.57 5.06 -17.46
N VAL D 184 -30.49 5.22 -18.77
CA VAL D 184 -30.43 6.56 -19.34
C VAL D 184 -31.83 7.09 -19.61
N SER D 185 -32.64 6.35 -20.35
CA SER D 185 -34.03 6.68 -20.62
C SER D 185 -34.89 5.58 -20.03
N PRO D 186 -35.93 5.91 -19.26
CA PRO D 186 -36.73 4.86 -18.64
C PRO D 186 -37.39 3.96 -19.68
N LEU D 187 -37.54 2.69 -19.32
CA LEU D 187 -38.22 1.76 -20.20
C LEU D 187 -39.66 2.18 -20.37
N THR D 188 -40.09 2.32 -21.62
CA THR D 188 -41.47 2.60 -21.95
C THR D 188 -42.01 1.41 -22.71
N THR D 189 -43.13 0.86 -22.25
CA THR D 189 -43.79 -0.26 -22.87
C THR D 189 -45.21 0.12 -23.29
N SER D 190 -45.76 -0.69 -24.20
CA SER D 190 -47.15 -0.53 -24.62
C SER D 190 -47.88 -1.87 -24.50
N SER D 191 -49.08 -1.96 -25.05
CA SER D 191 -49.84 -3.20 -24.97
C SER D 191 -49.22 -4.34 -25.78
N ILE D 192 -48.34 -4.02 -26.72
CA ILE D 192 -47.72 -5.03 -27.58
C ILE D 192 -46.22 -5.14 -27.34
N GLY D 193 -45.72 -4.48 -26.30
CA GLY D 193 -44.32 -4.56 -25.93
C GLY D 193 -44.07 -5.31 -24.65
N ALA D 194 -42.83 -5.75 -24.44
CA ALA D 194 -42.52 -6.52 -23.24
C ALA D 194 -42.60 -5.64 -22.00
N THR D 195 -43.36 -6.09 -21.01
CA THR D 195 -43.63 -5.31 -19.82
C THR D 195 -42.45 -5.21 -18.88
N GLU D 196 -41.42 -6.04 -19.07
CA GLU D 196 -40.25 -6.05 -18.21
C GLU D 196 -39.08 -6.62 -18.99
N ILE D 197 -37.87 -6.25 -18.59
CA ILE D 197 -36.66 -6.72 -19.25
C ILE D 197 -35.67 -7.15 -18.19
N LYS D 198 -35.09 -8.33 -18.39
CA LYS D 198 -34.08 -8.89 -17.50
C LYS D 198 -32.73 -8.78 -18.17
N VAL D 199 -31.72 -8.38 -17.41
CA VAL D 199 -30.40 -8.09 -17.95
C VAL D 199 -29.42 -9.13 -17.42
N TYR D 200 -28.62 -9.69 -18.31
CA TYR D 200 -27.63 -10.70 -17.99
C TYR D 200 -26.27 -10.31 -18.57
N ALA D 201 -25.20 -10.84 -17.98
CA ALA D 201 -23.86 -10.59 -18.47
C ALA D 201 -23.17 -11.91 -18.82
N ASN D 202 -22.30 -11.85 -19.82
CA ASN D 202 -21.59 -13.02 -20.33
C ASN D 202 -20.12 -12.65 -20.43
N ILE D 203 -19.39 -12.84 -19.34
CA ILE D 203 -18.03 -12.32 -19.22
C ILE D 203 -17.02 -13.45 -19.38
N ALA D 204 -15.87 -13.12 -19.96
CA ALA D 204 -14.81 -14.07 -20.21
C ALA D 204 -13.45 -13.43 -20.00
N PRO D 205 -12.61 -13.95 -19.10
CA PRO D 205 -11.28 -13.38 -18.94
C PRO D 205 -10.43 -13.60 -20.19
N THR D 206 -9.42 -12.74 -20.33
CA THR D 206 -8.58 -12.72 -21.52
C THR D 206 -7.12 -12.60 -21.08
N HIS D 207 -6.27 -13.44 -21.66
CA HIS D 207 -4.83 -13.46 -21.36
C HIS D 207 -4.60 -13.67 -19.87
N VAL D 208 -4.98 -14.83 -19.37
CA VAL D 208 -4.89 -15.14 -17.94
C VAL D 208 -3.47 -15.63 -17.65
N HIS D 209 -2.72 -14.86 -16.86
CA HIS D 209 -1.39 -15.24 -16.43
C HIS D 209 -1.33 -15.26 -14.91
N VAL D 210 -0.60 -16.24 -14.36
CA VAL D 210 -0.56 -16.48 -12.92
C VAL D 210 0.88 -16.54 -12.45
N ALA D 211 1.09 -16.33 -11.16
CA ALA D 211 2.41 -16.41 -10.56
C ALA D 211 2.28 -16.63 -9.07
N GLY D 212 3.25 -17.36 -8.51
CA GLY D 212 3.29 -17.54 -7.06
C GLY D 212 2.36 -18.60 -6.50
N GLU D 213 2.61 -19.86 -6.83
CA GLU D 213 1.75 -20.94 -6.37
C GLU D 213 1.75 -21.05 -4.85
N LEU D 214 0.58 -21.30 -4.30
CA LEU D 214 0.31 -21.33 -2.87
C LEU D 214 0.21 -22.76 -2.36
N PRO D 215 0.50 -22.98 -1.08
CA PRO D 215 0.31 -24.32 -0.52
C PRO D 215 -1.15 -24.70 -0.48
N SER D 216 -1.39 -26.00 -0.32
CA SER D 216 -2.75 -26.47 -0.28
C SER D 216 -3.32 -26.29 1.12
N LYS D 217 -4.62 -26.58 1.25
CA LYS D 217 -5.30 -26.51 2.53
C LYS D 217 -5.61 -27.89 3.10
N GLU D 218 -5.62 -28.92 2.25
CA GLU D 218 -5.95 -30.28 2.67
C GLU D 218 -4.84 -30.86 3.55
N GLY E 1 27.84 48.47 -19.91
CA GLY E 1 28.12 48.34 -18.49
C GLY E 1 28.62 46.96 -18.16
N ILE E 2 27.94 46.29 -17.22
CA ILE E 2 28.29 44.94 -16.82
C ILE E 2 27.05 44.07 -16.93
N VAL E 3 27.26 42.76 -16.92
CA VAL E 3 26.20 41.77 -17.10
C VAL E 3 25.21 41.82 -15.94
N PRO E 4 23.92 42.03 -16.19
CA PRO E 4 22.94 42.01 -15.11
C PRO E 4 22.41 40.61 -14.88
N VAL E 5 22.15 40.29 -13.61
CA VAL E 5 21.69 38.97 -13.23
C VAL E 5 20.50 39.11 -12.29
N ALA E 6 19.79 38.00 -12.11
CA ALA E 6 18.63 37.93 -11.23
C ALA E 6 18.96 36.94 -10.12
N CYS E 7 19.18 37.43 -8.91
CA CYS E 7 19.45 36.57 -7.78
C CYS E 7 18.15 35.89 -7.38
N SER E 8 17.94 34.68 -7.90
CA SER E 8 16.68 33.98 -7.73
C SER E 8 16.46 33.60 -6.27
N ASP E 9 15.18 33.49 -5.89
CA ASP E 9 14.78 33.11 -4.55
C ASP E 9 14.36 31.65 -4.51
N GLY E 10 14.70 30.98 -3.41
CA GLY E 10 14.59 29.55 -3.30
C GLY E 10 15.85 28.80 -3.66
N TYR E 11 16.71 29.39 -4.47
CA TYR E 11 17.98 28.82 -4.85
C TYR E 11 19.09 29.34 -3.94
N GLY E 12 20.09 28.50 -3.70
CA GLY E 12 21.29 28.90 -3.02
C GLY E 12 21.60 28.15 -1.73
N GLY E 13 20.59 27.80 -0.95
CA GLY E 13 20.84 27.23 0.36
C GLY E 13 21.53 25.88 0.28
N LEU E 14 22.13 25.48 1.40
CA LEU E 14 22.90 24.25 1.45
C LEU E 14 21.98 23.05 1.61
N VAL E 15 22.11 22.08 0.72
CA VAL E 15 21.49 20.77 0.85
C VAL E 15 22.62 19.77 1.13
N THR E 16 22.41 18.88 2.09
CA THR E 16 23.51 18.03 2.51
C THR E 16 23.85 16.93 1.51
N THR E 17 23.09 16.78 0.43
CA THR E 17 23.37 15.76 -0.58
C THR E 17 23.52 16.37 -1.97
N ASP E 18 23.70 17.69 -2.04
CA ASP E 18 23.71 18.36 -3.33
C ASP E 18 24.89 17.89 -4.17
N PRO E 19 24.76 17.95 -5.51
CA PRO E 19 25.83 17.46 -6.39
C PRO E 19 26.90 18.48 -6.77
N LYS E 20 27.07 19.58 -6.05
CA LYS E 20 28.11 20.54 -6.41
C LYS E 20 29.23 20.56 -5.37
N THR E 21 30.34 21.18 -5.74
CA THR E 21 31.58 21.14 -4.99
C THR E 21 31.82 22.45 -4.25
N ALA E 22 32.87 22.46 -3.43
CA ALA E 22 33.29 23.63 -2.68
C ALA E 22 34.53 24.23 -3.35
N ASP E 23 34.99 25.36 -2.85
CA ASP E 23 36.14 25.99 -3.49
C ASP E 23 37.39 25.78 -2.65
N PRO E 24 38.51 25.46 -3.29
CA PRO E 24 39.68 24.99 -2.57
C PRO E 24 40.44 26.11 -1.88
N VAL E 25 41.29 25.72 -0.94
CA VAL E 25 42.13 26.67 -0.22
C VAL E 25 43.59 26.23 -0.10
N TYR E 26 43.98 25.05 -0.56
CA TYR E 26 45.32 24.52 -0.31
C TYR E 26 45.76 23.74 -1.55
N GLY E 27 46.63 24.35 -2.37
CA GLY E 27 46.96 23.83 -3.66
C GLY E 27 48.23 22.98 -3.66
N LYS E 28 48.38 22.20 -4.72
CA LYS E 28 49.61 21.45 -5.01
C LYS E 28 49.98 20.50 -3.89
N VAL E 29 49.10 19.54 -3.61
CA VAL E 29 49.33 18.51 -2.61
C VAL E 29 49.33 17.16 -3.30
N TYR E 30 50.38 16.37 -3.06
CA TYR E 30 50.52 15.04 -3.65
C TYR E 30 50.43 13.99 -2.56
N ASN E 31 49.73 12.91 -2.84
CA ASN E 31 49.52 11.85 -1.88
C ASN E 31 50.63 10.80 -1.99
N PRO E 32 50.86 10.03 -0.93
CA PRO E 32 51.71 8.85 -1.06
C PRO E 32 51.06 7.80 -1.92
N PRO E 33 51.82 7.10 -2.75
CA PRO E 33 51.22 6.17 -3.71
C PRO E 33 50.66 4.93 -3.05
N ARG E 34 49.44 4.57 -3.47
CA ARG E 34 48.77 3.37 -2.97
C ARG E 34 48.40 2.47 -4.13
N THR E 35 49.31 2.31 -5.08
CA THR E 35 49.06 1.48 -6.24
C THR E 35 48.89 0.02 -5.84
N ASN E 36 47.84 -0.61 -6.36
CA ASN E 36 47.59 -2.03 -6.15
C ASN E 36 47.43 -2.37 -4.67
N TYR E 37 46.76 -1.50 -3.92
CA TYR E 37 46.50 -1.82 -2.54
C TYR E 37 45.48 -2.93 -2.44
N PRO E 38 45.72 -3.94 -1.61
CA PRO E 38 44.86 -5.13 -1.60
C PRO E 38 43.53 -4.91 -0.92
N GLY E 39 42.52 -5.60 -1.43
CA GLY E 39 41.22 -5.66 -0.78
C GLY E 39 40.35 -4.44 -0.96
N ARG E 40 40.19 -3.97 -2.19
CA ARG E 40 39.37 -2.80 -2.47
C ARG E 40 37.99 -3.24 -2.93
N PHE E 41 36.96 -2.57 -2.41
CA PHE E 41 35.61 -2.79 -2.90
C PHE E 41 35.00 -1.44 -3.27
N THR E 42 34.43 -1.39 -4.47
CA THR E 42 33.79 -0.20 -4.97
C THR E 42 32.28 -0.28 -4.95
N ASN E 43 31.71 -1.40 -4.54
CA ASN E 43 30.27 -1.62 -4.47
C ASN E 43 30.01 -2.46 -3.24
N LEU E 44 28.96 -2.11 -2.48
CA LEU E 44 28.63 -2.91 -1.31
C LEU E 44 28.05 -4.25 -1.70
N LEU E 45 27.35 -4.30 -2.83
CA LEU E 45 26.68 -5.54 -3.23
C LEU E 45 27.66 -6.56 -3.77
N ASP E 46 28.87 -6.13 -4.16
CA ASP E 46 29.91 -7.09 -4.50
C ASP E 46 30.34 -7.88 -3.27
N VAL E 47 30.62 -7.19 -2.18
CA VAL E 47 30.93 -7.86 -0.92
C VAL E 47 29.74 -8.68 -0.45
N ALA E 48 28.53 -8.15 -0.62
CA ALA E 48 27.35 -8.87 -0.18
C ALA E 48 27.12 -10.14 -0.99
N GLU E 49 27.55 -10.17 -2.25
CA GLU E 49 27.47 -11.38 -3.04
C GLU E 49 28.54 -12.38 -2.63
N ALA E 50 29.80 -11.96 -2.63
CA ALA E 50 30.90 -12.88 -2.44
C ALA E 50 31.03 -13.41 -1.02
N CYS E 51 30.49 -12.71 -0.02
CA CYS E 51 30.69 -13.08 1.38
C CYS E 51 29.33 -13.28 2.05
N PRO E 52 28.90 -14.53 2.22
CA PRO E 52 27.67 -14.76 2.98
C PRO E 52 27.94 -14.87 4.48
N THR E 53 26.95 -14.50 5.26
CA THR E 53 27.05 -14.50 6.71
C THR E 53 25.85 -15.22 7.30
N PHE E 54 25.95 -15.58 8.57
CA PHE E 54 25.09 -16.59 9.17
C PHE E 54 23.72 -16.04 9.55
N LEU E 55 22.75 -16.95 9.64
CA LEU E 55 21.43 -16.63 10.16
C LEU E 55 21.42 -16.89 11.67
N CYS E 56 20.37 -16.44 12.36
CA CYS E 56 20.32 -16.54 13.81
C CYS E 56 18.98 -17.19 14.19
N PHE E 57 19.03 -18.48 14.49
CA PHE E 57 17.83 -19.23 14.85
C PHE E 57 17.67 -19.18 16.37
N ASP E 58 16.74 -19.97 16.90
CA ASP E 58 16.46 -19.93 18.33
C ASP E 58 17.72 -20.18 19.13
N ASP E 59 17.79 -19.57 20.32
CA ASP E 59 18.93 -19.59 21.21
C ASP E 59 20.14 -18.87 20.60
N GLY E 60 19.95 -18.22 19.45
CA GLY E 60 21.04 -17.50 18.81
C GLY E 60 22.13 -18.41 18.29
N LYS E 61 21.75 -19.40 17.49
CA LYS E 61 22.68 -20.32 16.84
C LYS E 61 22.58 -20.17 15.34
N PRO E 62 23.70 -20.30 14.62
CA PRO E 62 23.66 -20.21 13.16
C PRO E 62 23.14 -21.46 12.47
N TYR E 63 22.51 -22.39 13.18
CA TYR E 63 22.19 -23.70 12.64
C TYR E 63 20.91 -24.24 13.27
N VAL E 64 20.28 -25.18 12.58
CA VAL E 64 19.11 -25.89 13.07
C VAL E 64 19.48 -27.35 13.27
N VAL E 65 18.99 -27.94 14.34
CA VAL E 65 19.34 -29.31 14.71
C VAL E 65 18.19 -30.24 14.38
N THR E 66 18.52 -31.44 13.91
CA THR E 66 17.51 -32.45 13.64
C THR E 66 16.80 -32.82 14.94
N ARG E 67 15.51 -33.13 14.84
CA ARG E 67 14.68 -33.33 16.01
C ARG E 67 14.16 -34.76 16.07
N GLU E 68 14.24 -35.35 17.26
CA GLU E 68 13.71 -36.68 17.53
C GLU E 68 12.25 -36.51 17.92
N ASP E 69 11.41 -36.21 16.94
CA ASP E 69 10.02 -35.86 17.19
C ASP E 69 9.19 -36.17 15.94
N GLU E 70 7.89 -35.91 16.04
CA GLU E 70 7.00 -36.00 14.89
C GLU E 70 6.98 -34.73 14.06
N GLN E 71 7.61 -33.65 14.54
CA GLN E 71 7.60 -32.37 13.86
C GLN E 71 8.73 -32.34 12.84
N ARG E 72 8.42 -31.95 11.62
CA ARG E 72 9.39 -31.93 10.54
C ARG E 72 9.68 -30.52 10.05
N LEU E 73 9.32 -29.51 10.86
CA LEU E 73 9.55 -28.12 10.51
C LEU E 73 10.73 -27.62 11.33
N LEU E 74 11.88 -27.46 10.66
CA LEU E 74 13.08 -27.03 11.37
C LEU E 74 13.01 -25.57 11.73
N ALA E 75 12.82 -24.69 10.74
CA ALA E 75 12.77 -23.27 11.01
C ALA E 75 11.90 -22.61 9.94
N LYS E 76 11.45 -21.39 10.25
CA LYS E 76 10.57 -20.64 9.37
C LYS E 76 10.78 -19.17 9.65
N PHE E 77 10.97 -18.37 8.60
CA PHE E 77 11.22 -16.95 8.78
C PHE E 77 10.66 -16.16 7.61
N ASP E 78 10.28 -14.92 7.88
CA ASP E 78 9.70 -14.07 6.87
C ASP E 78 10.74 -13.68 5.83
N VAL E 79 10.28 -13.45 4.60
CA VAL E 79 11.14 -12.91 3.55
C VAL E 79 11.15 -11.41 3.79
N SER E 80 12.10 -10.98 4.61
CA SER E 80 12.22 -9.58 5.01
C SER E 80 13.63 -9.35 5.52
N LEU E 81 14.28 -8.30 5.01
CA LEU E 81 15.58 -7.94 5.54
C LEU E 81 15.53 -7.45 6.97
N ALA E 82 14.32 -7.25 7.52
CA ALA E 82 14.13 -6.89 8.92
C ALA E 82 13.64 -8.04 9.77
N ALA E 83 13.83 -9.28 9.31
CA ALA E 83 13.38 -10.44 10.06
C ALA E 83 14.26 -10.68 11.28
N LYS E 84 13.76 -11.50 12.19
CA LYS E 84 14.51 -11.79 13.41
C LYS E 84 15.71 -12.70 13.12
N HIS E 85 15.60 -13.53 12.09
CA HIS E 85 16.69 -14.42 11.74
C HIS E 85 17.81 -13.72 11.00
N MET E 86 17.50 -12.67 10.26
CA MET E 86 18.50 -11.93 9.50
C MET E 86 19.07 -10.74 10.26
N SER E 87 18.74 -10.60 11.55
CA SER E 87 19.16 -9.41 12.29
C SER E 87 20.68 -9.28 12.39
N ASN E 88 21.41 -10.38 12.25
CA ASN E 88 22.86 -10.37 12.41
C ASN E 88 23.60 -10.54 11.10
N THR E 89 22.98 -10.20 9.98
CA THR E 89 23.56 -10.45 8.67
C THR E 89 24.18 -9.18 8.09
N TYR E 90 25.08 -9.37 7.13
CA TYR E 90 25.64 -8.23 6.41
C TYR E 90 24.67 -7.69 5.38
N LEU E 91 23.91 -8.58 4.74
CA LEU E 91 22.87 -8.14 3.82
C LEU E 91 21.87 -7.25 4.53
N SER E 92 21.45 -7.65 5.73
CA SER E 92 20.53 -6.83 6.51
C SER E 92 21.19 -5.56 7.02
N GLY E 93 22.45 -5.64 7.46
CA GLY E 93 23.15 -4.46 7.93
C GLY E 93 23.31 -3.40 6.86
N ILE E 94 23.44 -3.84 5.60
CA ILE E 94 23.47 -2.91 4.48
C ILE E 94 22.07 -2.41 4.17
N ALA E 95 21.11 -3.33 4.11
CA ALA E 95 19.76 -3.00 3.68
C ALA E 95 19.04 -2.08 4.64
N GLN E 96 19.52 -1.95 5.88
CA GLN E 96 18.89 -1.02 6.80
C GLN E 96 19.05 0.43 6.37
N TYR E 97 20.01 0.73 5.50
CA TYR E 97 20.30 2.10 5.08
C TYR E 97 19.70 2.44 3.73
N TYR E 98 18.68 1.71 3.30
CA TYR E 98 18.03 1.95 2.02
C TYR E 98 16.53 1.81 2.20
N ALA E 99 15.80 2.43 1.28
CA ALA E 99 14.35 2.43 1.38
C ALA E 99 13.73 1.20 0.72
N GLN E 100 14.20 0.84 -0.47
CA GLN E 100 13.57 -0.20 -1.26
C GLN E 100 14.61 -1.17 -1.80
N TYR E 101 14.15 -2.33 -2.24
CA TYR E 101 15.01 -3.37 -2.80
C TYR E 101 14.24 -4.13 -3.87
N SER E 102 14.99 -4.95 -4.62
CA SER E 102 14.42 -5.91 -5.55
C SER E 102 15.50 -6.89 -5.97
N GLY E 103 15.11 -8.13 -6.21
CA GLY E 103 16.00 -9.12 -6.77
C GLY E 103 16.10 -10.36 -5.89
N THR E 104 17.11 -11.18 -6.21
CA THR E 104 17.27 -12.50 -5.64
C THR E 104 17.98 -12.45 -4.30
N ILE E 105 17.69 -13.44 -3.45
CA ILE E 105 18.33 -13.60 -2.15
C ILE E 105 18.69 -15.07 -2.00
N ASN E 106 19.98 -15.37 -1.88
CA ASN E 106 20.46 -16.75 -1.86
C ASN E 106 20.65 -17.23 -0.43
N LEU E 107 20.25 -18.48 -0.19
CA LEU E 107 20.44 -19.16 1.09
C LEU E 107 21.40 -20.33 0.88
N HIS E 108 22.29 -20.54 1.83
CA HIS E 108 23.28 -21.60 1.77
C HIS E 108 23.07 -22.53 2.95
N PHE E 109 23.11 -23.84 2.71
CA PHE E 109 22.88 -24.83 3.73
C PHE E 109 24.06 -25.80 3.79
N MET E 110 24.84 -25.71 4.85
CA MET E 110 26.03 -26.54 5.03
C MET E 110 25.76 -27.57 6.11
N PHE E 111 25.89 -28.85 5.75
CA PHE E 111 25.67 -29.94 6.69
C PHE E 111 26.97 -30.28 7.42
N THR E 112 26.91 -30.26 8.74
CA THR E 112 28.09 -30.53 9.57
C THR E 112 27.85 -31.74 10.48
N GLY E 113 27.33 -32.82 9.93
CA GLY E 113 27.24 -34.05 10.66
C GLY E 113 28.35 -35.00 10.29
N SER E 114 28.46 -36.08 11.06
CA SER E 114 29.49 -37.05 10.79
C SER E 114 29.25 -37.77 9.47
N THR E 115 30.17 -38.66 9.12
CA THR E 115 30.03 -39.42 7.88
C THR E 115 28.94 -40.48 7.99
N ASP E 116 28.79 -41.09 9.16
CA ASP E 116 27.82 -42.15 9.36
C ASP E 116 26.42 -41.62 9.65
N SER E 117 26.14 -40.37 9.32
CA SER E 117 24.84 -39.76 9.57
C SER E 117 24.30 -39.12 8.30
N LYS E 118 23.13 -39.58 7.88
CA LYS E 118 22.49 -39.14 6.65
C LYS E 118 21.25 -38.33 6.99
N ALA E 119 20.76 -37.58 6.01
CA ALA E 119 19.55 -36.78 6.17
C ALA E 119 19.08 -36.32 4.80
N ARG E 120 17.83 -35.87 4.76
CA ARG E 120 17.24 -35.31 3.56
C ARG E 120 16.41 -34.10 3.97
N TYR E 121 16.67 -32.96 3.35
CA TYR E 121 16.05 -31.71 3.73
C TYR E 121 15.21 -31.15 2.59
N MET E 122 14.48 -30.10 2.90
CA MET E 122 13.59 -29.46 1.93
C MET E 122 13.39 -28.01 2.35
N VAL E 123 13.38 -27.11 1.39
CA VAL E 123 13.10 -25.69 1.62
C VAL E 123 12.04 -25.25 0.62
N ALA E 124 11.06 -24.50 1.09
CA ALA E 124 9.97 -24.04 0.25
C ALA E 124 9.79 -22.55 0.42
N TYR E 125 9.43 -21.87 -0.67
CA TYR E 125 9.09 -20.44 -0.66
C TYR E 125 7.57 -20.34 -0.65
N VAL E 126 7.01 -19.72 0.38
CA VAL E 126 5.57 -19.67 0.58
C VAL E 126 5.12 -18.23 0.35
N PRO E 127 4.71 -17.87 -0.85
CA PRO E 127 4.36 -16.46 -1.14
C PRO E 127 3.13 -16.05 -0.36
N PRO E 128 2.86 -14.75 -0.25
CA PRO E 128 1.77 -14.30 0.62
C PRO E 128 0.40 -14.57 0.01
N GLY E 129 -0.56 -14.82 0.88
CA GLY E 129 -1.89 -15.18 0.44
C GLY E 129 -2.53 -16.19 1.36
N VAL E 130 -1.74 -16.83 2.19
CA VAL E 130 -2.23 -17.68 3.27
C VAL E 130 -2.00 -16.94 4.58
N GLU E 131 -2.82 -17.27 5.59
CA GLU E 131 -2.70 -16.60 6.88
C GLU E 131 -1.56 -17.18 7.72
N THR E 132 -1.44 -18.50 7.72
CA THR E 132 -0.39 -19.18 8.47
C THR E 132 0.42 -20.06 7.53
N PRO E 133 1.73 -20.18 7.73
CA PRO E 133 2.53 -21.03 6.85
C PRO E 133 2.19 -22.48 7.05
N PRO E 134 2.54 -23.35 6.10
CA PRO E 134 2.34 -24.78 6.30
C PRO E 134 3.43 -25.36 7.19
N ASP E 135 3.07 -26.40 7.93
CA ASP E 135 4.00 -27.05 8.85
C ASP E 135 4.27 -28.50 8.49
N THR E 136 3.84 -28.95 7.30
CA THR E 136 4.10 -30.29 6.83
C THR E 136 4.72 -30.17 5.45
N PRO E 137 5.77 -30.94 5.15
CA PRO E 137 6.32 -30.90 3.79
C PRO E 137 5.34 -31.41 2.76
N GLU E 138 4.42 -32.31 3.16
CA GLU E 138 3.41 -32.79 2.23
C GLU E 138 2.49 -31.66 1.78
N ARG E 139 2.27 -30.67 2.63
CA ARG E 139 1.40 -29.53 2.32
C ARG E 139 2.17 -28.38 1.71
N ALA E 140 3.44 -28.22 2.06
CA ALA E 140 4.31 -27.22 1.45
C ALA E 140 4.98 -27.72 0.17
N ALA E 141 4.68 -28.93 -0.27
CA ALA E 141 5.19 -29.41 -1.56
C ALA E 141 4.52 -28.73 -2.73
N HIS E 142 3.48 -27.94 -2.50
CA HIS E 142 2.76 -27.29 -3.58
C HIS E 142 3.27 -25.89 -3.87
N CYS E 143 4.23 -25.40 -3.10
CA CYS E 143 4.89 -24.13 -3.34
C CYS E 143 6.10 -24.35 -4.24
N ILE E 144 6.96 -23.34 -4.37
CA ILE E 144 8.25 -23.52 -5.02
C ILE E 144 9.20 -24.07 -3.97
N HIS E 145 9.84 -25.20 -4.25
CA HIS E 145 10.70 -25.85 -3.27
C HIS E 145 11.84 -26.58 -3.96
N ALA E 146 12.68 -27.20 -3.13
CA ALA E 146 13.80 -28.00 -3.58
C ALA E 146 14.14 -28.99 -2.46
N GLU E 147 14.58 -30.18 -2.85
CA GLU E 147 14.99 -31.21 -1.91
C GLU E 147 16.44 -31.59 -2.16
N TRP E 148 17.09 -32.10 -1.13
CA TRP E 148 18.49 -32.48 -1.23
C TRP E 148 18.87 -33.32 -0.02
N ASP E 149 19.70 -34.32 -0.24
CA ASP E 149 20.22 -35.15 0.82
C ASP E 149 21.69 -34.84 1.07
N THR E 150 22.31 -35.61 1.94
CA THR E 150 23.68 -35.40 2.40
C THR E 150 24.60 -36.36 1.69
N GLY E 151 25.82 -35.92 1.41
CA GLY E 151 26.79 -36.77 0.75
C GLY E 151 28.18 -36.16 0.74
N LEU E 152 28.89 -36.33 -0.38
CA LEU E 152 30.22 -35.77 -0.50
C LEU E 152 30.18 -34.25 -0.47
N ASN E 153 29.32 -33.65 -1.28
CA ASN E 153 29.17 -32.20 -1.28
C ASN E 153 28.25 -31.77 -0.15
N SER E 154 28.80 -31.01 0.79
CA SER E 154 28.10 -30.68 2.03
C SER E 154 27.39 -29.35 2.00
N LYS E 155 27.39 -28.64 0.87
CA LYS E 155 26.72 -27.36 0.76
C LYS E 155 25.58 -27.45 -0.25
N PHE E 156 24.59 -26.58 -0.06
CA PHE E 156 23.46 -26.47 -0.96
C PHE E 156 22.99 -25.02 -0.95
N THR E 157 22.81 -24.46 -2.14
CA THR E 157 22.38 -23.08 -2.30
C THR E 157 21.00 -23.08 -2.95
N PHE E 158 20.05 -22.39 -2.33
CA PHE E 158 18.71 -22.20 -2.86
C PHE E 158 18.47 -20.71 -3.02
N SER E 159 17.84 -20.34 -4.12
CA SER E 159 17.68 -18.94 -4.49
C SER E 159 16.21 -18.55 -4.36
N ILE E 160 15.93 -17.64 -3.44
CA ILE E 160 14.59 -17.12 -3.20
C ILE E 160 14.21 -16.17 -4.33
N PRO E 161 13.08 -16.39 -4.99
CA PRO E 161 12.70 -15.50 -6.09
C PRO E 161 12.09 -14.21 -5.56
N TYR E 162 12.22 -13.16 -6.36
CA TYR E 162 11.51 -11.92 -6.10
C TYR E 162 10.22 -11.98 -6.89
N VAL E 163 9.12 -12.30 -6.22
CA VAL E 163 7.80 -12.36 -6.82
C VAL E 163 6.90 -11.45 -6.01
N SER E 164 6.35 -10.42 -6.64
CA SER E 164 5.41 -9.54 -5.96
C SER E 164 4.61 -8.78 -7.00
N ALA E 165 3.79 -7.85 -6.50
CA ALA E 165 3.01 -7.01 -7.39
C ALA E 165 3.81 -5.80 -7.86
N ALA E 166 4.40 -5.06 -6.92
CA ALA E 166 5.17 -3.89 -7.26
C ALA E 166 6.55 -4.29 -7.75
N ASP E 167 7.20 -3.37 -8.48
CA ASP E 167 8.55 -3.64 -8.97
C ASP E 167 9.59 -3.58 -7.87
N TYR E 168 9.28 -2.93 -6.76
CA TYR E 168 10.18 -2.84 -5.63
C TYR E 168 9.43 -3.13 -4.34
N ALA E 169 10.18 -3.46 -3.31
CA ALA E 169 9.63 -3.79 -2.00
C ALA E 169 10.34 -2.97 -0.94
N TYR E 170 9.64 -2.68 0.14
CA TYR E 170 10.28 -1.97 1.24
C TYR E 170 11.20 -2.91 2.00
N THR E 171 12.34 -2.38 2.44
CA THR E 171 13.30 -3.14 3.22
C THR E 171 13.01 -3.03 4.70
N ALA E 172 11.79 -2.63 5.06
CA ALA E 172 11.42 -2.43 6.45
C ALA E 172 9.93 -2.70 6.59
N SER E 173 9.56 -3.52 7.55
CA SER E 173 8.15 -3.81 7.78
C SER E 173 7.51 -2.70 8.60
N ASP E 174 6.35 -2.23 8.15
CA ASP E 174 5.82 -0.95 8.59
C ASP E 174 5.52 -0.92 10.08
N VAL E 175 4.53 -1.69 10.52
CA VAL E 175 4.01 -1.59 11.88
C VAL E 175 3.59 -2.98 12.30
N ALA E 176 3.00 -3.11 13.49
CA ALA E 176 2.60 -4.38 14.07
C ALA E 176 1.59 -5.13 13.20
N GLU E 177 1.22 -4.56 12.06
CA GLU E 177 0.45 -5.30 11.06
C GLU E 177 1.12 -6.64 10.77
N THR E 178 0.33 -7.70 10.72
CA THR E 178 0.83 -9.06 10.64
C THR E 178 0.92 -9.49 9.18
N THR E 179 1.27 -10.76 8.96
CA THR E 179 1.26 -11.37 7.62
C THR E 179 2.18 -10.58 6.68
N ASN E 180 3.49 -10.78 6.91
CA ASN E 180 4.55 -10.12 6.15
C ASN E 180 4.19 -9.96 4.68
N VAL E 181 4.52 -8.79 4.13
CA VAL E 181 4.13 -8.45 2.77
C VAL E 181 4.65 -9.46 1.75
N GLN E 182 5.88 -9.94 1.92
CA GLN E 182 6.41 -11.04 1.14
C GLN E 182 6.13 -12.34 1.88
N GLY E 183 6.51 -13.46 1.29
CA GLY E 183 6.16 -14.73 1.87
C GLY E 183 7.01 -15.11 3.06
N TRP E 184 7.06 -16.41 3.31
CA TRP E 184 7.95 -17.01 4.29
C TRP E 184 8.89 -18.00 3.60
N VAL E 185 9.90 -18.44 4.34
CA VAL E 185 10.79 -19.52 3.90
C VAL E 185 10.76 -20.59 4.98
N CYS E 186 10.45 -21.81 4.59
CA CYS E 186 10.23 -22.90 5.52
C CYS E 186 11.22 -24.01 5.21
N ILE E 187 11.99 -24.42 6.21
CA ILE E 187 12.96 -25.49 6.09
C ILE E 187 12.35 -26.73 6.72
N TYR E 188 12.40 -27.84 6.01
CA TYR E 188 11.83 -29.08 6.50
C TYR E 188 12.89 -30.17 6.59
N GLN E 189 12.58 -31.17 7.41
CA GLN E 189 13.43 -32.35 7.57
C GLN E 189 12.65 -33.53 7.06
N ILE E 190 12.85 -33.87 5.78
CA ILE E 190 12.11 -34.97 5.16
C ILE E 190 12.34 -36.26 5.95
N THR E 191 13.60 -36.63 6.13
CA THR E 191 13.96 -37.82 6.90
C THR E 191 15.42 -37.69 7.32
N HIS E 192 15.84 -38.60 8.18
CA HIS E 192 17.22 -38.65 8.62
C HIS E 192 17.49 -40.02 9.24
N GLY E 193 18.70 -40.51 9.03
CA GLY E 193 19.09 -41.78 9.62
C GLY E 193 20.29 -41.65 10.54
N LYS E 194 20.06 -41.88 11.83
CA LYS E 194 21.12 -41.82 12.85
C LYS E 194 21.74 -40.43 12.93
N ALA E 195 20.89 -39.41 12.82
CA ALA E 195 21.30 -38.01 12.93
C ALA E 195 20.53 -37.43 14.11
N GLN E 196 21.09 -37.58 15.32
CA GLN E 196 20.35 -37.18 16.51
C GLN E 196 20.67 -35.75 16.92
N ASN E 197 21.95 -35.38 16.93
CA ASN E 197 22.36 -34.03 17.30
C ASN E 197 23.11 -33.30 16.20
N ASP E 198 23.06 -33.79 14.97
CA ASP E 198 23.75 -33.15 13.86
C ASP E 198 22.99 -31.91 13.41
N THR E 199 23.75 -30.91 12.97
CA THR E 199 23.20 -29.60 12.67
C THR E 199 23.31 -29.28 11.18
N LEU E 200 22.64 -28.21 10.77
CA LEU E 200 22.68 -27.71 9.40
C LEU E 200 22.81 -26.20 9.47
N VAL E 201 23.93 -25.68 9.02
CA VAL E 201 24.24 -24.26 9.14
C VAL E 201 23.63 -23.51 7.96
N VAL E 202 23.04 -22.36 8.24
CA VAL E 202 22.36 -21.56 7.22
C VAL E 202 23.01 -20.18 7.18
N SER E 203 23.17 -19.65 5.96
CA SER E 203 23.72 -18.33 5.73
C SER E 203 23.06 -17.75 4.49
N VAL E 204 23.20 -16.44 4.30
CA VAL E 204 22.50 -15.74 3.23
C VAL E 204 23.43 -14.74 2.56
N SER E 205 23.30 -14.62 1.25
CA SER E 205 24.03 -13.64 0.46
C SER E 205 23.11 -13.09 -0.60
N ALA E 206 23.55 -12.04 -1.29
CA ALA E 206 22.73 -11.41 -2.31
C ALA E 206 22.81 -12.19 -3.63
N GLY E 207 21.75 -12.09 -4.41
CA GLY E 207 21.65 -12.79 -5.66
C GLY E 207 22.34 -12.08 -6.81
N LYS E 208 22.05 -12.55 -8.02
CA LYS E 208 22.67 -11.98 -9.21
C LYS E 208 22.02 -10.67 -9.62
N ASP E 209 20.74 -10.47 -9.32
CA ASP E 209 20.04 -9.25 -9.73
C ASP E 209 19.52 -8.48 -8.53
N PHE E 210 20.06 -8.74 -7.36
CA PHE E 210 19.69 -8.00 -6.17
C PHE E 210 20.06 -6.53 -6.32
N GLU E 211 19.34 -5.67 -5.61
CA GLU E 211 19.50 -4.24 -5.78
C GLU E 211 18.89 -3.52 -4.59
N LEU E 212 19.57 -2.50 -4.09
CA LEU E 212 19.04 -1.56 -3.12
C LEU E 212 18.97 -0.18 -3.76
N ARG E 213 17.95 0.61 -3.40
CA ARG E 213 17.51 1.69 -4.27
C ARG E 213 17.73 3.09 -3.70
N LEU E 214 17.17 3.42 -2.55
CA LEU E 214 17.12 4.83 -2.13
C LEU E 214 17.82 5.02 -0.78
N PRO E 215 18.97 5.68 -0.73
CA PRO E 215 19.72 5.77 0.53
C PRO E 215 19.00 6.62 1.56
N ILE E 216 18.97 6.14 2.81
CA ILE E 216 18.39 6.86 3.92
C ILE E 216 19.35 6.78 5.11
N ASP E 217 18.92 7.32 6.23
CA ASP E 217 19.72 7.35 7.45
C ASP E 217 18.77 7.22 8.62
N PRO E 218 18.32 6.00 8.93
CA PRO E 218 17.14 5.83 9.77
C PRO E 218 17.37 5.58 11.25
N ARG E 219 18.62 5.42 11.68
CA ARG E 219 18.88 5.00 13.06
C ARG E 219 18.86 6.20 13.99
N THR E 220 18.44 5.98 15.23
CA THR E 220 18.46 7.02 16.24
C THR E 220 19.89 7.37 16.60
N GLN E 221 20.21 8.65 16.50
CA GLN E 221 21.57 9.11 16.73
C GLN E 221 21.61 10.23 17.76
N SER F 15 8.42 18.55 -22.44
CA SER F 15 8.64 19.94 -22.82
C SER F 15 7.37 20.75 -22.66
N GLY F 16 6.93 20.92 -21.42
CA GLY F 16 5.77 21.75 -21.14
C GLY F 16 6.09 22.77 -20.06
N ASN F 17 5.90 24.04 -20.40
CA ASN F 17 6.10 25.15 -19.46
C ASN F 17 7.56 25.27 -19.00
N THR F 18 8.47 25.29 -19.98
CA THR F 18 9.88 25.60 -19.76
C THR F 18 10.31 26.50 -20.90
N GLY F 19 10.87 27.67 -20.57
CA GLY F 19 11.08 28.67 -21.60
C GLY F 19 12.46 29.24 -21.71
N SER F 20 13.47 28.52 -21.24
CA SER F 20 14.85 28.96 -21.35
C SER F 20 15.52 28.24 -22.51
N ILE F 21 16.35 28.97 -23.26
CA ILE F 21 16.98 28.40 -24.44
C ILE F 21 18.26 27.67 -24.07
N ILE F 22 18.93 28.12 -23.01
CA ILE F 22 20.21 27.55 -22.63
C ILE F 22 19.99 26.17 -22.00
N ASN F 23 20.96 25.28 -22.21
CA ASN F 23 20.91 23.95 -21.61
C ASN F 23 20.94 24.06 -20.08
N ASN F 24 20.56 22.96 -19.43
CA ASN F 24 20.53 22.95 -17.98
C ASN F 24 21.95 22.85 -17.42
N TYR F 25 22.14 23.41 -16.22
CA TYR F 25 23.45 23.37 -15.59
C TYR F 25 23.75 22.00 -15.01
N TYR F 26 22.72 21.26 -14.61
CA TYR F 26 22.89 19.94 -14.02
C TYR F 26 22.57 18.86 -15.04
N MET F 27 23.19 17.70 -14.86
CA MET F 27 23.01 16.60 -15.78
C MET F 27 21.58 16.08 -15.70
N GLN F 28 21.18 15.35 -16.74
CA GLN F 28 19.85 14.76 -16.77
C GLN F 28 19.68 13.70 -15.69
N GLN F 29 20.77 13.08 -15.26
CA GLN F 29 20.74 12.06 -14.23
C GLN F 29 20.36 12.60 -12.86
N TYR F 30 20.46 13.92 -12.66
CA TYR F 30 20.22 14.54 -11.37
C TYR F 30 19.01 15.45 -11.34
N GLN F 31 18.58 15.97 -12.49
CA GLN F 31 17.43 16.87 -12.48
C GLN F 31 16.14 16.11 -12.25
N ASN F 32 15.97 14.96 -12.91
CA ASN F 32 14.79 14.14 -12.69
C ASN F 32 15.16 12.68 -12.87
N SER F 33 14.21 11.80 -12.55
CA SER F 33 14.44 10.37 -12.64
C SER F 33 14.52 9.92 -14.10
N MET F 34 14.90 8.67 -14.29
CA MET F 34 15.13 8.10 -15.62
C MET F 34 14.16 6.97 -15.87
N ASP F 35 13.47 7.02 -17.01
CA ASP F 35 12.51 5.99 -17.35
C ASP F 35 13.21 4.83 -18.05
N THR F 36 12.73 3.63 -17.76
CA THR F 36 13.22 2.41 -18.38
C THR F 36 12.08 1.74 -19.14
N GLN F 37 12.44 0.93 -20.13
CA GLN F 37 11.47 0.32 -21.01
C GLN F 37 11.51 -1.20 -20.85
N LEU F 38 10.51 -1.86 -21.42
CA LEU F 38 10.53 -3.31 -21.60
C LEU F 38 9.67 -3.71 -22.78
N ASN F 65 2.26 5.82 -26.87
CA ASN F 65 0.96 5.25 -27.17
C ASN F 65 -0.18 6.10 -26.61
N ASP F 66 -0.59 7.09 -27.39
CA ASP F 66 -1.66 8.00 -27.03
C ASP F 66 -2.97 7.41 -27.54
N TRP F 67 -3.85 7.02 -26.62
CA TRP F 67 -5.09 6.38 -27.02
C TRP F 67 -6.09 7.39 -27.53
N PHE F 68 -6.26 8.51 -26.81
CA PHE F 68 -7.35 9.42 -27.14
C PHE F 68 -7.03 10.30 -28.33
N SER F 69 -5.75 10.54 -28.59
CA SER F 69 -5.37 11.18 -29.84
C SER F 69 -5.84 10.37 -31.05
N LYS F 70 -5.54 9.07 -31.04
CA LYS F 70 -5.97 8.21 -32.14
C LYS F 70 -7.48 8.00 -32.13
N LEU F 71 -8.10 8.03 -30.94
CA LEU F 71 -9.54 7.83 -30.85
C LEU F 71 -10.31 9.04 -31.36
N ALA F 72 -9.70 10.23 -31.28
CA ALA F 72 -10.32 11.41 -31.85
C ALA F 72 -10.00 11.58 -33.32
N SER F 73 -8.78 11.25 -33.75
CA SER F 73 -8.45 11.37 -35.16
C SER F 73 -9.21 10.36 -36.01
N SER F 74 -9.58 9.22 -35.44
CA SER F 74 -10.34 8.20 -36.15
C SER F 74 -11.83 8.41 -36.04
N ALA F 75 -12.27 9.66 -35.83
CA ALA F 75 -13.69 9.95 -35.70
C ALA F 75 -14.34 10.02 -37.08
N PHE F 76 -15.63 9.77 -37.13
CA PHE F 76 -16.35 9.83 -38.39
C PHE F 76 -16.74 11.27 -38.70
N SER F 77 -16.69 11.62 -39.98
CA SER F 77 -17.12 12.93 -40.46
C SER F 77 -17.88 12.72 -41.77
N GLY F 78 -18.12 13.80 -42.49
CA GLY F 78 -18.80 13.67 -43.76
C GLY F 78 -20.29 13.49 -43.58
N LEU F 79 -20.86 12.55 -44.31
CA LEU F 79 -22.29 12.29 -44.28
C LEU F 79 -22.55 10.79 -44.24
N PHE F 80 -23.83 10.44 -44.38
CA PHE F 80 -24.28 9.07 -44.50
C PHE F 80 -25.43 9.08 -45.50
N GLY F 81 -25.44 8.09 -46.39
CA GLY F 81 -26.42 8.06 -47.45
C GLY F 81 -26.01 8.93 -48.61
N ALA F 82 -26.98 9.41 -49.39
CA ALA F 82 -26.71 10.23 -50.56
C ALA F 82 -26.83 11.71 -50.19
N LEU F 83 -26.35 12.56 -51.09
CA LEU F 83 -26.38 14.00 -50.88
C LEU F 83 -26.97 14.66 -52.11
N LEU F 84 -27.79 15.69 -51.89
CA LEU F 84 -28.37 16.48 -52.97
C LEU F 84 -28.13 17.95 -52.62
N ALA F 85 -26.94 18.45 -52.94
CA ALA F 85 -26.58 19.82 -52.60
C ALA F 85 -27.25 20.79 -53.56
#